data_9DIH
#
_entry.id   9DIH
#
_cell.length_a   103.697
_cell.length_b   191.527
_cell.length_c   118.435
_cell.angle_alpha   90.00
_cell.angle_beta   90.00
_cell.angle_gamma   90.00
#
_symmetry.space_group_name_H-M   'C 2 2 21'
#
loop_
_entity.id
_entity.type
_entity.pdbx_description
1 polymer 'HNH endonuclease'
2 polymer "DNA (5'-D(*TP*TP*GP*CP*TP*CP*TP*CP*TP*TP*AP*AP*GP*AP*GP*AP*GP*CP*A)-3')"
3 non-polymer 'ZINC ION'
4 non-polymer "Cyclic (adenosine-(2'-5')-monophosphate-adenosine-(3'-5')-monophosphate"
5 non-polymer GLYCEROL
6 water water
#
loop_
_entity_poly.entity_id
_entity_poly.type
_entity_poly.pdbx_seq_one_letter_code
_entity_poly.pdbx_strand_id
1 'polypeptide(L)'
;MAEKEDAKPASGRFNTNDETKRIVWTQTAGHCELCGTDLTFDYRAGKPMKWGEVAAILPASPKGPRGRADHDAEAHTNDT
ANLMLLCPGCHDKIDRDADGYPENDLSGLHQAYLERIRLAATTPDGGRAIPLIVQSQHFQTINDIPVRDLLTAMSAEGLT
AFDQGIKIAFAAPGPRGRDTTYWQNVKDSVQYELEQQLKRRGGTYGDSPALAVVGLADIPALMMLGQSIGDRSKRLIFSF
HREHLLRWPDQSAEPPSFLFTPPPNGDGPLALVLSISAQVPVRDVTDALPGARIAELSIPEPSYAMVQNRRVIHAFRDAL
QIRLSQLEALTPDPIHVFAAIPAALAIEFGALLTTQHQHTYLIFDRDKENQDRFTQTLQLGPVAQEAM
;
A,B
2 'polydeoxyribonucleotide' (DT)(DT)(DG)(DC)(DT)(DC)(DT)(DC)(DT)(DT)(DA)(DA)(DG)(DA)(DG)(DA)(DG)(DC)(DA) D
#
loop_
_chem_comp.id
_chem_comp.type
_chem_comp.name
_chem_comp.formula
DA DNA linking 2'-DEOXYADENOSINE-5'-MONOPHOSPHATE 'C10 H14 N5 O6 P'
DC DNA linking 2'-DEOXYCYTIDINE-5'-MONOPHOSPHATE 'C9 H14 N3 O7 P'
DG DNA linking 2'-DEOXYGUANOSINE-5'-MONOPHOSPHATE 'C10 H14 N5 O7 P'
DT DNA linking THYMIDINE-5'-MONOPHOSPHATE 'C10 H15 N2 O8 P'
GOL non-polymer GLYCEROL 'C3 H8 O3'
Y4F non-polymer 'Cyclic (adenosine-(2'-5')-monophosphate-adenosine-(3'-5')-monophosphate' 'C20 H24 N10 O12 P2'
ZN non-polymer 'ZINC ION' 'Zn 2'
#
# COMPACT_ATOMS: atom_id res chain seq x y z
N ARG A 13 -44.58 4.95 -12.25
CA ARG A 13 -44.15 3.89 -13.17
C ARG A 13 -42.64 3.96 -13.32
N PHE A 14 -42.12 5.17 -13.21
CA PHE A 14 -40.68 5.40 -13.30
C PHE A 14 -40.01 5.58 -11.95
N ASN A 15 -40.78 5.84 -10.89
CA ASN A 15 -40.23 6.25 -9.61
C ASN A 15 -39.80 5.05 -8.78
N THR A 16 -38.57 5.09 -8.29
CA THR A 16 -38.08 4.12 -7.32
C THR A 16 -38.92 4.15 -6.05
N ASN A 17 -39.43 2.98 -5.63
CA ASN A 17 -40.32 2.91 -4.49
C ASN A 17 -39.54 2.95 -3.17
N ASP A 18 -40.29 3.16 -2.07
CA ASP A 18 -39.63 3.46 -0.80
C ASP A 18 -38.85 2.25 -0.30
N GLU A 19 -39.36 1.04 -0.51
CA GLU A 19 -38.61 -0.15 -0.09
C GLU A 19 -37.24 -0.19 -0.72
N THR A 20 -37.15 0.20 -1.99
CA THR A 20 -35.86 0.09 -2.66
C THR A 20 -34.90 1.17 -2.21
N LYS A 21 -35.42 2.37 -1.96
CA LYS A 21 -34.54 3.45 -1.48
C LYS A 21 -33.97 3.07 -0.13
N ARG A 22 -34.81 2.49 0.71
CA ARG A 22 -34.35 1.89 1.98
C ARG A 22 -33.25 0.86 1.76
N ILE A 23 -33.41 0.00 0.76
CA ILE A 23 -32.38 -0.98 0.49
C ILE A 23 -31.09 -0.29 0.07
N VAL A 24 -31.19 0.76 -0.78
CA VAL A 24 -30.00 1.45 -1.23
C VAL A 24 -29.29 2.11 -0.07
N TRP A 25 -30.03 2.72 0.84
CA TRP A 25 -29.40 3.33 2.00
C TRP A 25 -28.77 2.27 2.88
N THR A 26 -29.47 1.18 3.11
CA THR A 26 -28.92 0.09 3.91
C THR A 26 -27.62 -0.45 3.33
N GLN A 27 -27.62 -0.83 2.06
CA GLN A 27 -26.44 -1.58 1.55
C GLN A 27 -25.23 -0.73 1.36
N THR A 28 -25.39 0.58 1.34
CA THR A 28 -24.24 1.50 1.29
C THR A 28 -23.87 2.06 2.66
N ALA A 29 -24.56 1.66 3.73
CA ALA A 29 -24.35 2.23 5.04
C ALA A 29 -24.41 3.75 5.02
N GLY A 30 -25.24 4.30 4.13
CA GLY A 30 -25.50 5.74 4.17
C GLY A 30 -24.32 6.67 3.89
N HIS A 31 -23.34 6.23 3.11
CA HIS A 31 -22.24 7.05 2.61
C HIS A 31 -22.25 7.10 1.09
N CYS A 32 -21.69 8.16 0.55
CA CYS A 32 -21.64 8.42 -0.89
C CYS A 32 -20.71 7.47 -1.56
N GLU A 33 -21.21 6.73 -2.54
CA GLU A 33 -20.41 5.63 -3.11
C GLU A 33 -19.24 6.14 -3.85
N LEU A 34 -19.24 7.44 -4.22
CA LEU A 34 -18.14 8.01 -4.99
C LEU A 34 -17.17 8.85 -4.18
N CYS A 35 -17.55 9.42 -3.01
CA CYS A 35 -16.57 10.26 -2.23
C CYS A 35 -16.45 9.84 -0.78
N GLY A 36 -17.32 9.01 -0.27
CA GLY A 36 -17.25 8.44 1.02
C GLY A 36 -17.82 9.26 2.13
N THR A 37 -18.41 10.40 1.84
CA THR A 37 -18.90 11.26 2.90
C THR A 37 -20.10 10.61 3.55
N ASP A 38 -20.24 10.87 4.85
CA ASP A 38 -21.38 10.40 5.65
C ASP A 38 -22.61 11.23 5.32
N LEU A 39 -23.63 10.56 4.87
CA LEU A 39 -24.84 11.21 4.40
C LEU A 39 -25.99 11.04 5.35
N THR A 40 -25.70 10.62 6.63
CA THR A 40 -26.75 10.44 7.63
C THR A 40 -26.76 11.53 8.66
N PHE A 41 -25.84 12.50 8.58
CA PHE A 41 -25.63 13.48 9.63
C PHE A 41 -24.97 14.69 9.04
N ASP A 42 -25.32 15.89 9.59
CA ASP A 42 -24.67 17.17 9.27
C ASP A 42 -23.73 17.53 10.41
N TYR A 43 -22.45 17.29 10.23
CA TYR A 43 -21.48 17.55 11.30
C TYR A 43 -21.30 19.03 11.57
N ARG A 44 -21.76 19.88 10.69
CA ARG A 44 -21.50 21.29 10.90
C ARG A 44 -22.41 21.86 11.97
N ALA A 45 -23.72 21.52 11.91
CA ALA A 45 -24.65 22.09 12.87
C ALA A 45 -25.27 21.05 13.77
N GLY A 46 -24.98 19.77 13.53
CA GLY A 46 -25.27 18.78 14.55
C GLY A 46 -26.57 18.03 14.44
N LYS A 47 -27.26 18.07 13.30
CA LYS A 47 -28.56 17.39 13.18
C LYS A 47 -28.47 16.12 12.37
N PRO A 48 -29.00 14.98 12.81
CA PRO A 48 -29.13 13.80 11.89
C PRO A 48 -30.11 14.11 10.75
N MET A 49 -29.70 13.84 9.54
CA MET A 49 -30.49 14.12 8.35
C MET A 49 -29.95 13.22 7.26
N LYS A 50 -30.82 12.79 6.38
CA LYS A 50 -30.50 11.93 5.23
C LYS A 50 -30.42 12.89 4.05
N TRP A 51 -29.21 13.37 3.77
CA TRP A 51 -29.01 14.42 2.79
C TRP A 51 -28.40 13.88 1.49
N GLY A 52 -28.47 12.55 1.29
CA GLY A 52 -28.00 11.94 0.07
C GLY A 52 -29.15 11.74 -0.94
N GLU A 53 -28.77 11.32 -2.14
CA GLU A 53 -29.75 11.14 -3.19
C GLU A 53 -29.57 9.77 -3.79
N VAL A 54 -30.67 9.07 -4.04
CA VAL A 54 -30.61 7.80 -4.76
C VAL A 54 -30.50 8.08 -6.26
N ALA A 55 -29.40 7.68 -6.88
CA ALA A 55 -29.12 8.11 -8.24
C ALA A 55 -29.12 6.97 -9.24
N ALA A 56 -29.69 7.21 -10.41
CA ALA A 56 -29.76 6.22 -11.50
C ALA A 56 -28.53 6.30 -12.41
N ILE A 57 -27.89 5.16 -12.64
CA ILE A 57 -26.74 5.13 -13.55
C ILE A 57 -27.21 5.31 -14.97
N LEU A 58 -28.05 4.37 -15.47
CA LEU A 58 -28.78 4.48 -16.74
C LEU A 58 -30.06 5.21 -16.50
N PRO A 59 -30.36 6.28 -17.21
CA PRO A 59 -31.52 7.11 -16.90
C PRO A 59 -32.82 6.60 -17.53
N ALA A 60 -33.94 7.14 -17.03
CA ALA A 60 -35.25 6.80 -17.55
C ALA A 60 -35.37 7.11 -19.03
N SER A 61 -35.37 8.40 -19.39
CA SER A 61 -35.37 8.77 -20.80
C SER A 61 -34.02 8.41 -21.43
N PRO A 62 -34.03 7.99 -22.69
CA PRO A 62 -32.75 7.72 -23.38
C PRO A 62 -31.97 8.99 -23.73
N LYS A 63 -32.57 10.16 -23.50
CA LYS A 63 -31.92 11.43 -23.75
C LYS A 63 -31.18 11.98 -22.54
N GLY A 64 -31.24 11.31 -21.40
CA GLY A 64 -30.49 11.74 -20.24
C GLY A 64 -29.05 11.31 -20.31
N PRO A 65 -28.30 11.70 -19.29
CA PRO A 65 -26.89 11.28 -19.21
C PRO A 65 -26.77 9.77 -19.14
N ARG A 66 -26.00 9.20 -20.05
CA ARG A 66 -25.83 7.76 -20.22
C ARG A 66 -27.08 7.11 -20.79
N GLY A 67 -28.01 7.89 -21.32
CA GLY A 67 -29.20 7.31 -21.92
C GLY A 67 -28.88 6.41 -23.10
N ARG A 68 -29.80 5.46 -23.33
CA ARG A 68 -29.68 4.48 -24.40
C ARG A 68 -31.09 4.08 -24.79
N ALA A 69 -31.32 3.92 -26.11
CA ALA A 69 -32.65 3.48 -26.58
C ALA A 69 -32.95 2.07 -26.12
N ASP A 70 -31.94 1.21 -26.03
CA ASP A 70 -32.12 -0.18 -25.64
C ASP A 70 -32.24 -0.42 -24.13
N HIS A 71 -32.73 0.56 -23.37
CA HIS A 71 -32.77 0.45 -21.92
C HIS A 71 -34.22 0.46 -21.48
N ASP A 72 -34.69 -0.68 -20.94
CA ASP A 72 -36.09 -0.79 -20.51
C ASP A 72 -36.22 -0.16 -19.12
N ALA A 73 -36.55 1.14 -19.11
CA ALA A 73 -36.54 1.89 -17.86
C ALA A 73 -37.48 1.25 -16.83
N GLU A 74 -38.64 0.76 -17.29
CA GLU A 74 -39.61 0.18 -16.36
C GLU A 74 -39.07 -1.09 -15.71
N ALA A 75 -38.36 -1.91 -16.49
CA ALA A 75 -37.78 -3.12 -15.92
C ALA A 75 -36.67 -2.87 -14.92
N HIS A 76 -36.10 -1.68 -14.83
CA HIS A 76 -34.95 -1.45 -13.98
C HIS A 76 -35.21 -0.35 -12.97
N THR A 77 -36.47 0.02 -12.77
CA THR A 77 -36.77 1.14 -11.86
C THR A 77 -36.31 0.86 -10.43
N ASN A 78 -36.47 -0.38 -9.97
CA ASN A 78 -36.06 -0.78 -8.63
C ASN A 78 -34.95 -1.83 -8.68
N ASP A 79 -34.04 -1.64 -9.63
CA ASP A 79 -32.88 -2.50 -9.83
C ASP A 79 -31.71 -1.83 -9.15
N THR A 80 -31.37 -2.31 -7.94
CA THR A 80 -30.29 -1.64 -7.20
C THR A 80 -28.94 -1.77 -7.89
N ALA A 81 -28.82 -2.55 -8.97
CA ALA A 81 -27.57 -2.52 -9.73
C ALA A 81 -27.45 -1.27 -10.54
N ASN A 82 -28.60 -0.62 -10.80
CA ASN A 82 -28.63 0.68 -11.44
C ASN A 82 -28.69 1.88 -10.47
N LEU A 83 -28.73 1.68 -9.18
CA LEU A 83 -28.96 2.78 -8.25
C LEU A 83 -27.81 2.92 -7.27
N MET A 84 -27.25 4.12 -7.19
CA MET A 84 -26.18 4.47 -6.28
C MET A 84 -26.70 5.48 -5.25
N LEU A 85 -26.18 5.41 -4.02
CA LEU A 85 -26.37 6.49 -3.06
C LEU A 85 -25.22 7.48 -3.29
N LEU A 86 -25.56 8.69 -3.65
CA LEU A 86 -24.55 9.73 -3.91
C LEU A 86 -24.88 11.00 -3.13
N CYS A 87 -23.85 11.72 -2.76
CA CYS A 87 -24.09 13.06 -2.23
C CYS A 87 -24.59 13.94 -3.36
N PRO A 88 -25.27 15.03 -3.05
CA PRO A 88 -25.83 15.84 -4.13
C PRO A 88 -24.78 16.41 -5.07
N GLY A 89 -23.57 16.70 -4.60
CA GLY A 89 -22.56 17.22 -5.48
C GLY A 89 -22.05 16.18 -6.46
N CYS A 90 -21.67 15.01 -5.96
CA CYS A 90 -21.29 13.89 -6.85
C CYS A 90 -22.40 13.59 -7.84
N HIS A 91 -23.64 13.54 -7.38
CA HIS A 91 -24.73 13.27 -8.31
C HIS A 91 -24.86 14.36 -9.36
N ASP A 92 -24.73 15.64 -8.97
CA ASP A 92 -24.81 16.74 -9.96
C ASP A 92 -23.68 16.65 -10.99
N LYS A 93 -22.47 16.31 -10.56
CA LYS A 93 -21.36 16.20 -11.51
C LYS A 93 -21.55 15.03 -12.49
N ILE A 94 -21.91 13.84 -12.00
CA ILE A 94 -22.00 12.73 -12.93
C ILE A 94 -23.09 12.95 -13.96
N ASP A 95 -24.12 13.75 -13.63
CA ASP A 95 -25.16 14.00 -14.63
C ASP A 95 -24.81 15.14 -15.57
N ARG A 96 -23.77 15.91 -15.27
CA ARG A 96 -23.33 16.98 -16.14
C ARG A 96 -22.17 16.57 -17.03
N ASP A 97 -21.61 15.35 -16.85
CA ASP A 97 -20.45 14.92 -17.65
C ASP A 97 -20.57 13.41 -17.87
N ALA A 98 -21.50 13.02 -18.72
CA ALA A 98 -21.70 11.60 -19.00
C ALA A 98 -20.49 10.95 -19.67
N ASP A 99 -19.84 11.64 -20.61
CA ASP A 99 -18.59 11.12 -21.17
C ASP A 99 -17.54 10.86 -20.09
N GLY A 100 -17.45 11.75 -19.08
CA GLY A 100 -16.45 11.51 -18.03
C GLY A 100 -16.87 10.50 -16.99
N TYR A 101 -18.18 10.23 -16.85
CA TYR A 101 -18.68 9.28 -15.87
C TYR A 101 -19.57 8.28 -16.59
N PRO A 102 -18.99 7.41 -17.39
CA PRO A 102 -19.79 6.48 -18.19
C PRO A 102 -20.28 5.27 -17.39
N GLU A 103 -21.34 4.66 -17.94
CA GLU A 103 -22.03 3.53 -17.31
C GLU A 103 -21.07 2.43 -16.84
N ASN A 104 -20.14 2.02 -17.69
CA ASN A 104 -19.27 0.90 -17.28
C ASN A 104 -18.45 1.29 -16.07
N ASP A 105 -17.92 2.53 -16.06
CA ASP A 105 -17.08 2.94 -14.95
C ASP A 105 -17.89 3.07 -13.66
N LEU A 106 -19.09 3.68 -13.74
CA LEU A 106 -19.92 3.84 -12.55
C LEU A 106 -20.37 2.50 -12.02
N SER A 107 -20.88 1.63 -12.88
CA SER A 107 -21.27 0.32 -12.41
C SER A 107 -20.11 -0.44 -11.73
N GLY A 108 -18.91 -0.34 -12.25
CA GLY A 108 -17.80 -1.03 -11.61
C GLY A 108 -17.46 -0.47 -10.24
N LEU A 109 -17.44 0.85 -10.11
CA LEU A 109 -17.22 1.48 -8.81
C LEU A 109 -18.34 1.17 -7.85
N HIS A 110 -19.58 1.16 -8.34
CA HIS A 110 -20.73 0.76 -7.53
C HIS A 110 -20.54 -0.64 -6.97
N GLN A 111 -20.35 -1.62 -7.82
CA GLN A 111 -20.20 -2.99 -7.35
C GLN A 111 -19.04 -3.12 -6.37
N ALA A 112 -17.91 -2.50 -6.68
CA ALA A 112 -16.78 -2.66 -5.76
C ALA A 112 -17.09 -2.07 -4.41
N TYR A 113 -17.72 -0.88 -4.39
CA TYR A 113 -18.10 -0.27 -3.10
C TYR A 113 -18.98 -1.22 -2.28
N LEU A 114 -20.01 -1.79 -2.92
CA LEU A 114 -20.89 -2.67 -2.18
C LEU A 114 -20.15 -3.89 -1.64
N GLU A 115 -19.18 -4.39 -2.37
CA GLU A 115 -18.53 -5.62 -1.92
C GLU A 115 -17.62 -5.33 -0.74
N ARG A 116 -17.01 -4.14 -0.70
CA ARG A 116 -16.19 -3.82 0.48
C ARG A 116 -17.04 -3.76 1.74
N ILE A 117 -18.27 -3.27 1.62
CA ILE A 117 -19.17 -3.20 2.78
C ILE A 117 -19.58 -4.58 3.23
N ARG A 118 -19.94 -5.43 2.28
CA ARG A 118 -20.32 -6.80 2.58
C ARG A 118 -19.20 -7.56 3.25
N LEU A 119 -17.96 -7.37 2.80
CA LEU A 119 -16.88 -8.12 3.43
C LEU A 119 -16.62 -7.62 4.84
N ALA A 120 -16.67 -6.30 5.05
CA ALA A 120 -16.56 -5.82 6.44
C ALA A 120 -17.71 -6.33 7.33
N ALA A 121 -18.91 -6.48 6.78
CA ALA A 121 -19.99 -6.91 7.59
C ALA A 121 -19.92 -8.38 7.91
N THR A 122 -19.21 -9.16 7.12
CA THR A 122 -19.07 -10.57 7.38
C THR A 122 -17.73 -10.95 8.03
N THR A 123 -16.88 -10.00 8.31
CA THR A 123 -15.65 -10.29 9.04
C THR A 123 -15.92 -10.47 10.54
N PRO A 124 -15.55 -11.59 11.13
CA PRO A 124 -15.71 -11.74 12.57
C PRO A 124 -14.78 -10.86 13.35
N ASP A 125 -15.22 -10.47 14.54
CA ASP A 125 -14.38 -9.72 15.48
C ASP A 125 -13.09 -10.49 15.77
N GLY A 126 -11.93 -9.81 15.66
CA GLY A 126 -10.64 -10.41 15.90
C GLY A 126 -9.80 -9.68 16.94
N GLY A 127 -10.42 -8.86 17.75
CA GLY A 127 -9.76 -8.16 18.80
C GLY A 127 -9.34 -6.75 18.46
N ARG A 128 -8.53 -6.17 19.35
CA ARG A 128 -8.11 -4.78 19.25
C ARG A 128 -6.59 -4.67 19.22
N ALA A 129 -6.09 -3.64 18.56
CA ALA A 129 -4.68 -3.35 18.61
C ALA A 129 -4.43 -1.86 18.39
N ILE A 130 -3.25 -1.41 18.81
CA ILE A 130 -2.78 -0.05 18.59
C ILE A 130 -2.09 -0.01 17.24
N PRO A 131 -2.62 0.69 16.24
CA PRO A 131 -1.88 0.87 14.99
C PRO A 131 -0.59 1.64 15.26
N LEU A 132 0.52 1.19 14.69
CA LEU A 132 1.81 1.85 14.86
C LEU A 132 2.54 1.86 13.54
N ILE A 133 2.77 3.07 13.00
CA ILE A 133 3.56 3.27 11.77
C ILE A 133 4.87 3.91 12.16
N VAL A 134 5.98 3.36 11.69
CA VAL A 134 7.28 3.96 11.94
C VAL A 134 7.99 4.11 10.61
N GLN A 135 8.38 5.34 10.25
CA GLN A 135 8.96 5.52 8.96
C GLN A 135 10.09 6.50 9.04
N SER A 136 11.08 6.35 8.17
CA SER A 136 12.25 7.23 8.18
C SER A 136 12.17 8.26 7.09
N GLN A 137 13.16 9.14 7.04
CA GLN A 137 13.35 10.04 5.93
C GLN A 137 14.75 9.99 5.38
N HIS A 138 15.39 8.80 5.34
CA HIS A 138 16.77 8.73 4.89
C HIS A 138 16.88 8.42 3.40
N PHE A 139 15.78 8.18 2.74
CA PHE A 139 15.72 8.04 1.32
C PHE A 139 15.69 9.38 0.64
N GLN A 140 16.05 9.38 -0.65
CA GLN A 140 16.01 10.62 -1.43
C GLN A 140 14.65 10.82 -2.11
N THR A 141 13.63 10.09 -1.69
CA THR A 141 12.28 10.18 -2.22
C THR A 141 11.33 10.32 -1.02
N ILE A 142 10.07 10.71 -1.28
CA ILE A 142 9.06 10.65 -0.25
C ILE A 142 8.90 9.24 0.22
N ASN A 143 8.64 9.09 1.54
CA ASN A 143 8.45 7.80 2.20
C ASN A 143 7.25 7.95 3.15
N ASP A 144 6.10 7.35 2.80
CA ASP A 144 4.89 7.69 3.53
C ASP A 144 3.93 6.53 3.44
N ILE A 145 3.69 5.89 4.58
CA ILE A 145 2.75 4.79 4.70
C ILE A 145 1.39 5.37 5.03
N PRO A 146 0.37 5.15 4.22
CA PRO A 146 -0.95 5.71 4.54
C PRO A 146 -1.54 5.05 5.78
N VAL A 147 -2.12 5.87 6.67
CA VAL A 147 -2.82 5.29 7.82
C VAL A 147 -4.02 4.45 7.39
N ARG A 148 -4.79 4.93 6.40
CA ARG A 148 -5.96 4.16 6.00
C ARG A 148 -5.57 2.77 5.59
N ASP A 149 -4.41 2.61 4.98
CA ASP A 149 -4.08 1.26 4.48
C ASP A 149 -3.72 0.32 5.61
N LEU A 150 -3.10 0.81 6.68
CA LEU A 150 -2.86 -0.09 7.86
C LEU A 150 -4.15 -0.45 8.54
N LEU A 151 -5.00 0.56 8.79
CA LEU A 151 -6.27 0.25 9.43
C LEU A 151 -7.12 -0.70 8.64
N THR A 152 -7.00 -0.64 7.31
CA THR A 152 -7.79 -1.53 6.41
C THR A 152 -7.22 -2.93 6.43
N ALA A 153 -5.88 -3.05 6.47
CA ALA A 153 -5.28 -4.37 6.63
C ALA A 153 -5.61 -4.97 8.00
N MET A 154 -5.58 -4.17 9.06
CA MET A 154 -6.07 -4.66 10.33
C MET A 154 -7.50 -5.17 10.24
N SER A 155 -8.38 -4.34 9.67
CA SER A 155 -9.82 -4.69 9.64
C SER A 155 -10.08 -5.96 8.84
N ALA A 156 -9.28 -6.23 7.83
CA ALA A 156 -9.49 -7.46 7.04
C ALA A 156 -9.21 -8.69 7.88
N GLU A 157 -8.50 -8.53 9.00
CA GLU A 157 -8.23 -9.62 9.90
C GLU A 157 -9.05 -9.54 11.16
N GLY A 158 -10.08 -8.65 11.19
CA GLY A 158 -10.97 -8.53 12.33
C GLY A 158 -10.50 -7.55 13.40
N LEU A 159 -9.33 -6.93 13.23
CA LEU A 159 -8.77 -6.10 14.28
C LEU A 159 -9.23 -4.67 14.11
N THR A 160 -9.55 -4.01 15.25
CA THR A 160 -9.97 -2.63 15.21
C THR A 160 -9.25 -1.88 16.31
N ALA A 161 -9.35 -0.57 16.25
CA ALA A 161 -8.68 0.28 17.23
C ALA A 161 -9.60 1.41 17.63
N PHE A 162 -9.25 2.06 18.75
CA PHE A 162 -10.03 3.19 19.29
C PHE A 162 -9.65 4.52 18.69
N ASP A 163 -8.54 4.58 17.95
CA ASP A 163 -8.05 5.81 17.35
C ASP A 163 -7.23 5.37 16.14
N GLN A 164 -6.79 6.32 15.36
CA GLN A 164 -5.95 5.97 14.21
C GLN A 164 -4.50 5.65 14.58
N GLY A 165 -4.10 5.79 15.80
CA GLY A 165 -2.87 5.19 16.26
C GLY A 165 -1.72 6.15 16.26
N ILE A 166 -0.52 5.56 16.26
CA ILE A 166 0.74 6.28 16.38
C ILE A 166 1.41 6.22 15.02
N LYS A 167 1.95 7.36 14.56
CA LYS A 167 2.72 7.42 13.34
C LYS A 167 3.95 8.26 13.65
N ILE A 168 5.09 7.61 13.74
CA ILE A 168 6.37 8.30 13.97
C ILE A 168 7.21 8.37 12.70
N ALA A 169 7.72 9.57 12.38
CA ALA A 169 8.57 9.82 11.23
C ALA A 169 9.90 10.36 11.70
N PHE A 170 10.96 9.60 11.47
CA PHE A 170 12.26 10.03 12.00
C PHE A 170 12.67 11.32 11.34
N ALA A 171 13.45 12.13 12.04
CA ALA A 171 14.09 13.29 11.45
C ALA A 171 14.99 12.86 10.32
N ALA A 172 15.09 13.72 9.30
CA ALA A 172 15.93 13.40 8.17
C ALA A 172 17.39 13.55 8.57
N PRO A 173 18.29 12.91 7.84
CA PRO A 173 19.73 13.15 8.03
C PRO A 173 20.03 14.60 7.72
N GLY A 174 21.02 15.13 8.40
CA GLY A 174 21.36 16.50 8.18
C GLY A 174 22.47 16.53 7.16
N PRO A 175 23.25 17.60 7.12
CA PRO A 175 24.23 17.74 6.07
C PRO A 175 25.38 16.77 6.17
N ARG A 176 25.62 16.14 7.29
CA ARG A 176 26.74 15.19 7.42
C ARG A 176 26.30 13.76 7.14
N GLY A 177 25.05 13.57 6.70
CA GLY A 177 24.45 12.24 6.51
C GLY A 177 24.07 11.58 7.84
N ARG A 178 24.11 10.24 7.85
CA ARG A 178 23.71 9.45 8.99
C ARG A 178 24.86 9.37 9.99
N ASP A 179 25.09 10.52 10.68
CA ASP A 179 26.17 10.67 11.64
C ASP A 179 25.69 10.32 13.04
N THR A 180 26.54 10.59 14.03
CA THR A 180 26.16 10.26 15.41
C THR A 180 24.90 10.99 15.86
N THR A 181 24.73 12.23 15.43
CA THR A 181 23.52 12.97 15.75
C THR A 181 22.33 12.26 15.18
N TYR A 182 22.41 11.81 13.92
CA TYR A 182 21.28 11.12 13.32
C TYR A 182 20.86 9.94 14.16
N TRP A 183 21.85 9.13 14.61
CA TRP A 183 21.52 7.86 15.30
C TRP A 183 21.03 8.14 16.70
N GLN A 184 21.51 9.20 17.31
CA GLN A 184 20.93 9.61 18.57
C GLN A 184 19.47 9.95 18.36
N ASN A 185 19.15 10.60 17.24
CA ASN A 185 17.78 10.99 17.00
C ASN A 185 16.88 9.77 16.76
N VAL A 186 17.37 8.80 15.99
CA VAL A 186 16.65 7.55 15.79
C VAL A 186 16.36 6.90 17.13
N LYS A 187 17.39 6.84 18.00
CA LYS A 187 17.18 6.24 19.31
C LYS A 187 16.06 6.95 20.08
N ASP A 188 16.22 8.26 20.25
CA ASP A 188 15.18 9.05 20.91
C ASP A 188 13.78 8.82 20.32
N SER A 189 13.67 8.55 19.03
CA SER A 189 12.33 8.42 18.48
C SER A 189 11.72 7.08 18.87
N VAL A 190 12.57 6.05 18.91
CA VAL A 190 12.14 4.66 19.21
C VAL A 190 12.00 4.46 20.70
N GLN A 191 12.91 4.98 21.47
CA GLN A 191 12.92 4.72 22.89
C GLN A 191 12.31 5.78 23.75
N TYR A 192 12.02 6.96 23.21
CA TYR A 192 11.42 8.01 24.01
C TYR A 192 10.10 8.47 23.42
N GLU A 193 10.06 8.91 22.20
CA GLU A 193 8.82 9.39 21.56
C GLU A 193 7.77 8.29 21.54
N LEU A 194 8.14 7.10 21.08
CA LEU A 194 7.16 6.00 21.00
C LEU A 194 6.58 5.72 22.38
N GLU A 195 7.42 5.62 23.40
CA GLU A 195 6.96 5.31 24.72
C GLU A 195 6.09 6.40 25.30
N GLN A 196 6.43 7.64 25.05
CA GLN A 196 5.62 8.73 25.57
C GLN A 196 4.23 8.71 24.92
N GLN A 197 4.16 8.33 23.68
CA GLN A 197 2.87 8.26 22.99
C GLN A 197 2.08 7.01 23.38
N LEU A 198 2.72 5.90 23.68
CA LEU A 198 1.98 4.78 24.27
C LEU A 198 1.44 5.10 25.67
N LYS A 199 2.19 5.85 26.48
CA LYS A 199 1.73 6.24 27.80
C LYS A 199 0.60 7.26 27.75
N ARG A 200 0.64 8.19 26.82
CA ARG A 200 -0.42 9.20 26.69
C ARG A 200 -1.78 8.54 26.46
N ARG A 201 -1.81 7.30 25.94
CA ARG A 201 -3.07 6.61 25.75
C ARG A 201 -3.69 6.23 27.08
N GLY A 202 -2.88 6.05 28.11
CA GLY A 202 -3.42 5.66 29.41
C GLY A 202 -4.08 4.31 29.30
N GLY A 203 -5.23 4.20 29.96
CA GLY A 203 -5.96 2.96 30.03
C GLY A 203 -6.91 2.71 28.90
N THR A 204 -7.03 3.65 27.95
CA THR A 204 -7.82 3.48 26.75
C THR A 204 -7.65 2.07 26.19
N TYR A 205 -6.42 1.58 26.15
CA TYR A 205 -6.13 0.31 25.52
C TYR A 205 -5.89 -0.81 26.53
N GLY A 206 -5.74 -0.50 27.80
CA GLY A 206 -5.52 -1.51 28.80
C GLY A 206 -4.09 -1.54 29.31
N ASP A 207 -3.74 -2.69 29.91
CA ASP A 207 -2.44 -2.87 30.52
C ASP A 207 -1.37 -3.22 29.49
N SER A 208 -1.62 -4.26 28.70
CA SER A 208 -0.70 -4.71 27.65
C SER A 208 -1.48 -4.87 26.35
N PRO A 209 -1.88 -3.77 25.72
CA PRO A 209 -2.54 -3.86 24.41
C PRO A 209 -1.55 -4.27 23.35
N ALA A 210 -2.08 -4.86 22.26
CA ALA A 210 -1.20 -5.31 21.20
C ALA A 210 -0.87 -4.16 20.25
N LEU A 211 0.23 -4.28 19.57
CA LEU A 211 0.69 -3.32 18.59
C LEU A 211 0.57 -3.90 17.24
N ALA A 212 -0.19 -3.24 16.35
CA ALA A 212 -0.29 -3.63 14.96
C ALA A 212 0.69 -2.69 14.25
N VAL A 213 1.85 -3.21 13.91
CA VAL A 213 3.02 -2.40 13.59
C VAL A 213 3.48 -2.68 12.17
N VAL A 214 3.79 -1.63 11.46
CA VAL A 214 4.39 -1.65 10.13
C VAL A 214 5.51 -0.64 10.12
N GLY A 215 6.68 -1.07 9.64
CA GLY A 215 7.84 -0.18 9.49
C GLY A 215 8.33 -0.01 8.07
N LEU A 216 8.84 1.16 7.77
CA LEU A 216 9.64 1.37 6.55
C LEU A 216 10.65 2.44 6.91
N ALA A 217 11.88 2.02 7.25
CA ALA A 217 12.87 2.84 7.89
C ALA A 217 14.20 2.11 7.89
N ASP A 218 15.24 2.80 8.37
CA ASP A 218 16.60 2.24 8.34
C ASP A 218 16.62 0.86 8.95
N ILE A 219 17.40 -0.06 8.36
CA ILE A 219 17.42 -1.41 8.87
C ILE A 219 17.87 -1.42 10.32
N PRO A 220 18.95 -0.73 10.69
CA PRO A 220 19.34 -0.70 12.13
C PRO A 220 18.24 -0.17 13.04
N ALA A 221 17.51 0.84 12.60
CA ALA A 221 16.43 1.42 13.39
C ALA A 221 15.31 0.44 13.58
N LEU A 222 14.94 -0.24 12.53
CA LEU A 222 13.87 -1.22 12.64
C LEU A 222 14.28 -2.37 13.57
N MET A 223 15.55 -2.76 13.54
CA MET A 223 15.96 -3.81 14.50
C MET A 223 15.90 -3.27 15.89
N MET A 224 16.26 -2.01 16.08
CA MET A 224 16.12 -1.44 17.44
C MET A 224 14.65 -1.38 17.83
N LEU A 225 13.78 -0.88 16.95
CA LEU A 225 12.35 -0.94 17.21
C LEU A 225 11.92 -2.32 17.67
N GLY A 226 12.27 -3.34 16.90
CA GLY A 226 11.85 -4.67 17.25
C GLY A 226 12.30 -5.05 18.64
N GLN A 227 13.54 -4.77 18.98
CA GLN A 227 14.04 -5.13 20.31
C GLN A 227 13.25 -4.42 21.40
N SER A 228 12.72 -3.24 21.10
CA SER A 228 12.07 -2.41 22.12
C SER A 228 10.66 -2.88 22.37
N ILE A 229 9.99 -3.43 21.37
CA ILE A 229 8.61 -3.87 21.50
C ILE A 229 8.48 -5.36 21.65
N GLY A 230 9.59 -6.07 21.70
CA GLY A 230 9.56 -7.54 21.60
C GLY A 230 8.84 -8.22 22.75
N ASP A 231 9.28 -7.91 23.97
CA ASP A 231 8.59 -8.38 25.16
C ASP A 231 7.65 -7.33 25.75
N ARG A 232 7.97 -6.05 25.55
CA ARG A 232 7.16 -4.95 26.11
C ARG A 232 5.68 -5.11 25.82
N SER A 233 5.32 -5.75 24.71
CA SER A 233 3.93 -5.78 24.28
C SER A 233 3.73 -6.91 23.26
N LYS A 234 2.47 -7.32 23.11
CA LYS A 234 2.11 -8.30 22.09
C LYS A 234 2.07 -7.63 20.72
N ARG A 235 2.49 -8.35 19.68
CA ARG A 235 2.81 -7.72 18.40
C ARG A 235 2.13 -8.41 17.22
N LEU A 236 1.57 -7.63 16.32
CA LEU A 236 1.00 -8.16 15.08
C LEU A 236 1.70 -7.42 13.94
N ILE A 237 2.60 -8.08 13.27
CA ILE A 237 3.44 -7.39 12.30
C ILE A 237 2.69 -7.30 11.00
N PHE A 238 2.81 -6.14 10.31
CA PHE A 238 2.29 -5.93 8.96
C PHE A 238 3.46 -5.49 8.13
N SER A 239 3.26 -5.35 6.81
CA SER A 239 4.39 -5.11 5.92
C SER A 239 3.97 -4.22 4.78
N PHE A 240 4.82 -3.28 4.39
CA PHE A 240 4.62 -2.47 3.15
C PHE A 240 5.26 -3.19 1.98
N HIS A 241 4.50 -3.35 0.90
CA HIS A 241 4.94 -4.10 -0.28
C HIS A 241 4.84 -3.19 -1.49
N ARG A 242 5.86 -3.18 -2.34
CA ARG A 242 5.84 -2.26 -3.45
C ARG A 242 4.56 -2.42 -4.30
N GLU A 243 4.05 -3.64 -4.47
CA GLU A 243 2.90 -3.78 -5.34
C GLU A 243 1.61 -3.65 -4.58
N HIS A 244 1.51 -4.28 -3.42
CA HIS A 244 0.22 -4.45 -2.74
C HIS A 244 0.08 -3.55 -1.53
N LEU A 245 1.05 -2.67 -1.25
CA LEU A 245 0.94 -1.75 -0.15
C LEU A 245 0.85 -2.54 1.14
N LEU A 246 -0.21 -2.38 1.96
CA LEU A 246 -0.35 -3.04 3.24
C LEU A 246 -1.13 -4.34 3.16
N ARG A 247 -1.74 -4.60 2.03
CA ARG A 247 -2.41 -5.85 1.80
C ARG A 247 -1.37 -6.95 1.62
N TRP A 248 -1.63 -8.11 2.19
CA TRP A 248 -0.76 -9.23 1.97
C TRP A 248 -0.85 -9.70 0.52
N PRO A 249 0.28 -9.86 -0.16
CA PRO A 249 0.23 -10.31 -1.56
C PRO A 249 -0.51 -11.61 -1.81
N ASP A 250 -0.38 -12.60 -0.96
CA ASP A 250 -0.95 -13.90 -1.28
C ASP A 250 -0.98 -14.77 -0.06
N GLN A 251 -2.16 -14.86 0.60
CA GLN A 251 -2.32 -15.57 1.85
C GLN A 251 -2.10 -17.07 1.69
N SER A 252 -2.09 -17.59 0.47
CA SER A 252 -1.91 -19.01 0.24
C SER A 252 -0.49 -19.38 -0.12
N ALA A 253 0.39 -18.42 -0.29
CA ALA A 253 1.78 -18.72 -0.66
C ALA A 253 2.51 -19.46 0.44
N GLU A 254 3.31 -20.42 0.05
CA GLU A 254 4.11 -21.15 1.02
C GLU A 254 5.41 -20.38 1.30
N PRO A 255 5.88 -20.38 2.55
CA PRO A 255 7.16 -19.74 2.84
C PRO A 255 8.32 -20.37 2.05
N PRO A 256 9.33 -19.60 1.74
CA PRO A 256 10.51 -20.17 1.08
C PRO A 256 11.36 -20.95 2.09
N SER A 257 12.39 -21.58 1.59
CA SER A 257 13.36 -22.27 2.43
C SER A 257 14.45 -21.29 2.84
N PHE A 258 14.77 -21.23 4.11
CA PHE A 258 15.82 -20.35 4.59
C PHE A 258 17.12 -21.17 4.69
N LEU A 259 17.99 -20.94 3.76
CA LEU A 259 19.24 -21.69 3.66
C LEU A 259 20.31 -21.08 4.58
N PHE A 260 21.09 -21.92 5.20
CA PHE A 260 22.07 -21.48 6.17
C PHE A 260 23.41 -22.11 5.85
N THR A 261 24.45 -21.30 5.92
CA THR A 261 25.83 -21.76 5.76
C THR A 261 26.56 -21.35 7.03
N PRO A 262 27.14 -22.27 7.76
CA PRO A 262 27.75 -21.95 9.01
C PRO A 262 29.11 -21.29 8.79
N PRO A 263 29.62 -20.56 9.78
CA PRO A 263 30.90 -19.86 9.61
C PRO A 263 32.05 -20.85 9.62
N PRO A 264 33.17 -20.50 9.03
CA PRO A 264 34.37 -21.33 9.16
C PRO A 264 35.05 -21.12 10.49
N ASN A 265 35.89 -22.08 10.85
CA ASN A 265 36.63 -21.95 12.09
C ASN A 265 37.69 -20.86 11.97
N GLY A 266 38.11 -20.38 13.13
CA GLY A 266 39.12 -19.34 13.17
C GLY A 266 38.87 -18.30 14.26
N ASP A 267 39.81 -17.37 14.38
CA ASP A 267 39.71 -16.33 15.39
C ASP A 267 39.13 -15.03 14.85
N GLY A 268 39.05 -14.88 13.53
CA GLY A 268 38.55 -13.66 12.94
C GLY A 268 37.16 -13.29 13.45
N PRO A 269 36.77 -12.05 13.21
CA PRO A 269 35.48 -11.61 13.69
C PRO A 269 34.34 -12.38 13.01
N LEU A 270 33.26 -12.61 13.76
CA LEU A 270 32.14 -13.41 13.28
C LEU A 270 31.13 -12.49 12.64
N ALA A 271 30.73 -12.83 11.41
CA ALA A 271 29.76 -12.05 10.67
C ALA A 271 28.54 -12.90 10.35
N LEU A 272 27.36 -12.29 10.43
CA LEU A 272 26.10 -12.90 10.03
C LEU A 272 25.60 -12.07 8.85
N VAL A 273 25.55 -12.71 7.67
CA VAL A 273 25.11 -12.08 6.43
C VAL A 273 23.71 -12.60 6.11
N LEU A 274 22.79 -11.68 5.87
CA LEU A 274 21.40 -12.00 5.62
C LEU A 274 21.05 -11.55 4.21
N SER A 275 20.89 -12.53 3.29
CA SER A 275 20.61 -12.25 1.88
C SER A 275 19.18 -12.66 1.53
N ILE A 276 18.21 -11.78 1.77
CA ILE A 276 16.80 -12.14 1.67
C ILE A 276 16.11 -11.27 0.65
N SER A 277 16.28 -9.96 0.78
CA SER A 277 15.86 -9.01 -0.24
C SER A 277 16.74 -9.11 -1.48
N ALA A 278 18.00 -9.39 -1.29
CA ALA A 278 19.02 -9.33 -2.33
C ALA A 278 20.18 -10.13 -1.80
N GLN A 279 21.11 -10.44 -2.69
CA GLN A 279 22.33 -11.17 -2.34
C GLN A 279 23.40 -10.16 -1.92
N VAL A 280 23.88 -10.29 -0.67
CA VAL A 280 24.93 -9.39 -0.19
C VAL A 280 26.27 -9.90 -0.71
N PRO A 281 27.01 -9.12 -1.49
CA PRO A 281 28.27 -9.62 -2.01
C PRO A 281 29.27 -9.79 -0.89
N VAL A 282 29.93 -10.95 -0.86
CA VAL A 282 30.88 -11.20 0.21
C VAL A 282 32.03 -10.20 0.16
N ARG A 283 32.42 -9.75 -1.03
CA ARG A 283 33.48 -8.76 -1.17
C ARG A 283 33.21 -7.53 -0.31
N ASP A 284 31.95 -7.18 -0.14
CA ASP A 284 31.58 -5.98 0.62
C ASP A 284 31.66 -6.20 2.12
N VAL A 285 31.64 -7.47 2.57
CA VAL A 285 31.74 -7.79 3.99
C VAL A 285 33.21 -7.82 4.41
N THR A 286 34.04 -8.46 3.62
CA THR A 286 35.46 -8.55 3.89
C THR A 286 36.14 -7.21 3.72
N ASP A 287 35.56 -6.32 2.91
CA ASP A 287 36.10 -4.96 2.82
C ASP A 287 35.93 -4.23 4.15
N ALA A 288 34.76 -4.41 4.78
CA ALA A 288 34.40 -3.66 5.97
C ALA A 288 34.96 -4.30 7.22
N LEU A 289 35.20 -5.62 7.19
CA LEU A 289 35.50 -6.40 8.38
C LEU A 289 36.53 -7.44 7.97
N PRO A 290 37.77 -7.01 7.69
CA PRO A 290 38.79 -7.94 7.21
C PRO A 290 38.96 -9.08 8.18
N GLY A 291 39.18 -10.28 7.61
CA GLY A 291 39.30 -11.51 8.39
C GLY A 291 37.99 -12.12 8.86
N ALA A 292 36.87 -11.61 8.37
CA ALA A 292 35.57 -12.05 8.84
C ALA A 292 35.30 -13.49 8.48
N ARG A 293 34.73 -14.22 9.46
CA ARG A 293 34.18 -15.57 9.27
C ARG A 293 32.67 -15.42 9.04
N ILE A 294 32.24 -15.70 7.83
CA ILE A 294 30.89 -15.37 7.41
C ILE A 294 29.96 -16.54 7.59
N ALA A 295 28.86 -16.32 8.33
CA ALA A 295 27.70 -17.22 8.33
C ALA A 295 26.63 -16.53 7.52
N GLU A 296 25.83 -17.30 6.76
CA GLU A 296 24.87 -16.65 5.88
C GLU A 296 23.50 -17.33 5.93
N LEU A 297 22.46 -16.51 6.06
CA LEU A 297 21.09 -16.96 5.94
C LEU A 297 20.55 -16.33 4.68
N SER A 298 19.90 -17.14 3.82
CA SER A 298 19.40 -16.64 2.56
C SER A 298 18.18 -17.46 2.12
N ILE A 299 17.54 -17.02 1.04
CA ILE A 299 16.49 -17.82 0.43
C ILE A 299 16.98 -18.14 -0.98
N PRO A 300 16.36 -19.08 -1.71
CA PRO A 300 16.92 -19.47 -3.02
C PRO A 300 16.87 -18.39 -4.07
N GLU A 301 15.92 -17.48 -4.02
CA GLU A 301 15.80 -16.42 -5.00
C GLU A 301 15.57 -15.12 -4.26
N PRO A 302 16.63 -14.44 -3.82
CA PRO A 302 16.43 -13.19 -3.07
C PRO A 302 15.61 -12.21 -3.89
N SER A 303 14.71 -11.51 -3.22
CA SER A 303 13.74 -10.65 -3.89
C SER A 303 13.12 -9.67 -2.89
N TYR A 304 13.02 -8.40 -3.32
CA TYR A 304 12.27 -7.41 -2.58
C TYR A 304 10.83 -7.80 -2.35
N ALA A 305 10.29 -8.73 -3.16
CA ALA A 305 8.85 -8.98 -3.13
C ALA A 305 8.45 -10.12 -2.26
N MET A 306 9.39 -10.68 -1.44
CA MET A 306 9.14 -11.99 -0.93
C MET A 306 8.21 -12.09 0.28
N VAL A 307 7.82 -11.01 0.89
CA VAL A 307 7.01 -11.07 2.09
C VAL A 307 5.56 -11.21 1.66
N GLN A 308 5.20 -12.44 1.30
CA GLN A 308 3.93 -12.74 0.70
C GLN A 308 2.82 -12.77 1.70
N ASN A 309 3.12 -13.07 2.98
CA ASN A 309 2.11 -13.17 4.01
C ASN A 309 2.82 -13.34 5.34
N ARG A 310 2.03 -13.35 6.42
CA ARG A 310 2.66 -13.27 7.74
C ARG A 310 3.36 -14.58 8.07
N ARG A 311 2.95 -15.71 7.46
CA ARG A 311 3.69 -16.97 7.69
C ARG A 311 5.11 -16.96 7.14
N VAL A 312 5.39 -16.12 6.15
CA VAL A 312 6.76 -15.97 5.66
C VAL A 312 7.61 -15.31 6.73
N ILE A 313 7.03 -14.31 7.42
CA ILE A 313 7.74 -13.62 8.50
C ILE A 313 8.01 -14.56 9.66
N HIS A 314 7.00 -15.35 10.08
CA HIS A 314 7.21 -16.28 11.17
C HIS A 314 8.24 -17.33 10.82
N ALA A 315 8.27 -17.77 9.57
CA ALA A 315 9.20 -18.83 9.18
C ALA A 315 10.62 -18.29 9.17
N PHE A 316 10.79 -17.05 8.72
CA PHE A 316 12.08 -16.38 8.86
C PHE A 316 12.51 -16.33 10.31
N ARG A 317 11.61 -15.83 11.18
CA ARG A 317 11.83 -15.81 12.62
C ARG A 317 12.21 -17.16 13.16
N ASP A 318 11.43 -18.21 12.85
CA ASP A 318 11.79 -19.52 13.37
C ASP A 318 13.17 -19.96 12.86
N ALA A 319 13.49 -19.69 11.62
CA ALA A 319 14.77 -20.15 11.11
C ALA A 319 15.92 -19.38 11.75
N LEU A 320 15.72 -18.08 12.02
CA LEU A 320 16.87 -17.28 12.49
C LEU A 320 17.11 -17.54 13.98
N GLN A 321 16.07 -17.64 14.77
CA GLN A 321 16.23 -17.97 16.18
C GLN A 321 17.14 -19.16 16.36
N ILE A 322 16.91 -20.23 15.62
CA ILE A 322 17.77 -21.41 15.73
C ILE A 322 19.24 -21.04 15.52
N ARG A 323 19.52 -20.32 14.43
CA ARG A 323 20.90 -20.09 14.03
C ARG A 323 21.60 -19.07 14.94
N LEU A 324 20.86 -18.10 15.50
CA LEU A 324 21.49 -17.12 16.39
C LEU A 324 22.05 -17.80 17.63
N SER A 325 21.30 -18.71 18.21
CA SER A 325 21.84 -19.40 19.39
C SER A 325 23.08 -20.20 19.04
N GLN A 326 23.06 -20.87 17.91
CA GLN A 326 24.26 -21.55 17.44
C GLN A 326 25.44 -20.59 17.33
N LEU A 327 25.23 -19.47 16.64
CA LEU A 327 26.33 -18.54 16.43
C LEU A 327 26.81 -17.96 17.76
N GLU A 328 25.90 -17.67 18.68
CA GLU A 328 26.37 -17.10 19.95
C GLU A 328 27.26 -18.09 20.66
N ALA A 329 26.96 -19.39 20.51
CA ALA A 329 27.73 -20.42 21.18
C ALA A 329 29.17 -20.49 20.66
N LEU A 330 29.45 -19.90 19.52
CA LEU A 330 30.77 -20.07 18.93
C LEU A 330 31.80 -19.10 19.51
N THR A 331 31.43 -17.85 19.73
CA THR A 331 32.36 -16.82 20.17
C THR A 331 31.81 -16.09 21.37
N PRO A 332 32.69 -15.43 22.14
CA PRO A 332 32.23 -14.51 23.19
C PRO A 332 32.16 -13.06 22.71
N ASP A 333 32.71 -12.79 21.52
CA ASP A 333 32.81 -11.45 20.93
C ASP A 333 31.59 -11.15 20.08
N PRO A 334 31.40 -9.90 19.70
CA PRO A 334 30.13 -9.53 19.04
C PRO A 334 29.91 -10.26 17.72
N ILE A 335 28.67 -10.34 17.33
CA ILE A 335 28.31 -10.78 15.98
C ILE A 335 28.05 -9.55 15.15
N HIS A 336 28.67 -9.50 13.97
CA HIS A 336 28.55 -8.38 13.05
C HIS A 336 27.55 -8.70 11.94
N VAL A 337 26.59 -7.80 11.73
CA VAL A 337 25.41 -8.08 10.97
C VAL A 337 25.43 -7.26 9.69
N PHE A 338 25.27 -7.96 8.55
CA PHE A 338 25.21 -7.35 7.22
C PHE A 338 23.94 -7.90 6.60
N ALA A 339 22.95 -7.05 6.38
CA ALA A 339 21.60 -7.52 6.10
C ALA A 339 21.01 -6.79 4.92
N ALA A 340 20.50 -7.56 3.96
CA ALA A 340 19.66 -7.01 2.89
C ALA A 340 18.33 -7.76 3.06
N ILE A 341 17.43 -7.17 3.84
CA ILE A 341 16.20 -7.86 4.24
C ILE A 341 15.04 -6.89 4.18
N PRO A 342 13.84 -7.42 3.98
CA PRO A 342 12.67 -6.58 4.01
C PRO A 342 12.45 -5.95 5.36
N ALA A 343 11.76 -4.82 5.38
CA ALA A 343 11.58 -4.05 6.63
C ALA A 343 10.87 -4.84 7.72
N ALA A 344 9.87 -5.65 7.36
CA ALA A 344 9.20 -6.43 8.39
C ALA A 344 10.12 -7.46 9.02
N LEU A 345 11.00 -8.06 8.22
CA LEU A 345 11.98 -8.98 8.80
C LEU A 345 12.95 -8.24 9.70
N ALA A 346 13.28 -6.99 9.38
CA ALA A 346 14.21 -6.29 10.25
C ALA A 346 13.61 -6.13 11.66
N ILE A 347 12.30 -5.93 11.74
CA ILE A 347 11.65 -5.74 13.03
C ILE A 347 11.66 -7.04 13.78
N GLU A 348 11.35 -8.15 13.06
CA GLU A 348 11.30 -9.45 13.76
C GLU A 348 12.69 -9.87 14.22
N PHE A 349 13.68 -9.56 13.41
CA PHE A 349 15.06 -9.81 13.80
C PHE A 349 15.35 -9.18 15.16
N GLY A 350 14.97 -7.90 15.33
CA GLY A 350 15.32 -7.28 16.60
C GLY A 350 14.52 -7.86 17.74
N ALA A 351 13.25 -8.22 17.50
CA ALA A 351 12.45 -8.78 18.57
C ALA A 351 13.06 -10.06 19.13
N LEU A 352 13.84 -10.77 18.33
CA LEU A 352 14.55 -11.95 18.86
C LEU A 352 15.69 -11.57 19.79
N LEU A 353 16.20 -10.34 19.71
CA LEU A 353 17.35 -9.94 20.50
C LEU A 353 16.96 -9.38 21.88
N THR A 354 15.82 -9.76 22.40
CA THR A 354 15.32 -9.10 23.61
C THR A 354 16.00 -9.72 24.81
N THR A 355 15.70 -10.97 25.08
CA THR A 355 16.46 -11.72 26.08
C THR A 355 16.91 -13.07 25.57
N GLN A 356 16.22 -13.63 24.56
CA GLN A 356 16.65 -14.90 24.00
C GLN A 356 18.09 -14.85 23.57
N HIS A 357 18.54 -13.69 23.14
CA HIS A 357 19.89 -13.51 22.59
C HIS A 357 20.47 -12.23 23.16
N GLN A 358 21.24 -12.40 24.24
CA GLN A 358 21.81 -11.30 25.01
C GLN A 358 23.27 -11.06 24.64
N HIS A 359 23.69 -11.53 23.49
CA HIS A 359 25.01 -11.25 22.96
C HIS A 359 24.98 -9.88 22.28
N THR A 360 26.16 -9.29 22.10
CA THR A 360 26.24 -8.01 21.44
C THR A 360 26.21 -8.21 19.91
N TYR A 361 25.35 -7.44 19.25
CA TYR A 361 25.23 -7.42 17.81
C TYR A 361 25.60 -6.03 17.31
N LEU A 362 26.63 -5.95 16.45
CA LEU A 362 27.02 -4.70 15.80
C LEU A 362 26.47 -4.69 14.40
N ILE A 363 25.63 -3.71 14.08
CA ILE A 363 24.86 -3.68 12.86
C ILE A 363 25.55 -2.79 11.86
N PHE A 364 25.96 -3.35 10.71
CA PHE A 364 26.50 -2.56 9.63
C PHE A 364 25.38 -2.21 8.66
N ASP A 365 25.51 -1.06 7.99
CA ASP A 365 24.57 -0.68 6.95
C ASP A 365 25.34 -0.01 5.81
N ARG A 366 24.68 0.09 4.66
CA ARG A 366 25.26 0.79 3.50
C ARG A 366 25.36 2.26 3.79
N ASP A 367 26.46 2.84 3.36
CA ASP A 367 26.82 4.21 3.71
C ASP A 367 26.94 5.01 2.43
N LYS A 368 26.01 5.94 2.22
CA LYS A 368 26.05 6.78 1.02
C LYS A 368 27.16 7.78 1.04
N GLU A 369 27.71 8.07 2.21
CA GLU A 369 28.84 8.99 2.38
C GLU A 369 30.17 8.28 2.24
N ASN A 370 30.17 6.97 2.03
CA ASN A 370 31.38 6.19 1.85
C ASN A 370 31.19 5.24 0.68
N GLN A 371 30.61 5.76 -0.40
CA GLN A 371 30.59 5.06 -1.68
C GLN A 371 29.91 3.69 -1.59
N ASP A 372 28.88 3.59 -0.78
CA ASP A 372 28.07 2.39 -0.66
C ASP A 372 28.78 1.30 0.13
N ARG A 373 29.92 1.57 0.74
CA ARG A 373 30.53 0.61 1.62
C ARG A 373 29.66 0.37 2.83
N PHE A 374 29.78 -0.81 3.42
CA PHE A 374 29.19 -1.07 4.74
C PHE A 374 29.99 -0.37 5.83
N THR A 375 29.30 0.29 6.75
CA THR A 375 29.95 0.82 7.94
C THR A 375 29.10 0.54 9.20
N GLN A 376 29.77 0.55 10.31
CA GLN A 376 29.13 0.26 11.58
C GLN A 376 28.19 1.39 11.96
N THR A 377 26.98 1.02 12.44
CA THR A 377 26.03 2.00 12.89
C THR A 377 25.62 1.83 14.36
N LEU A 378 24.63 0.98 14.64
CA LEU A 378 24.11 0.78 15.98
C LEU A 378 24.67 -0.52 16.57
N GLN A 379 24.72 -0.56 17.91
CA GLN A 379 25.09 -1.75 18.67
C GLN A 379 23.87 -2.16 19.48
N LEU A 380 23.39 -3.37 19.27
CA LEU A 380 22.27 -3.94 20.02
C LEU A 380 22.79 -5.02 20.97
N GLY A 381 22.17 -5.14 22.12
CA GLY A 381 22.74 -5.98 23.13
C GLY A 381 22.02 -5.85 24.43
N PRO A 382 22.68 -6.30 25.51
CA PRO A 382 22.04 -6.39 26.83
C PRO A 382 21.81 -5.01 27.47
N ALA B 10 -33.45 -13.49 26.34
CA ALA B 10 -34.42 -13.99 27.27
C ALA B 10 -35.47 -12.96 27.72
N SER B 11 -36.74 -13.36 27.72
CA SER B 11 -37.87 -12.55 28.15
C SER B 11 -38.09 -11.34 27.24
N GLY B 12 -37.59 -10.18 27.64
CA GLY B 12 -38.08 -8.93 27.09
C GLY B 12 -37.63 -8.58 25.67
N ARG B 13 -38.29 -7.57 25.11
CA ARG B 13 -37.97 -7.03 23.79
C ARG B 13 -37.98 -5.51 23.85
N PHE B 14 -37.08 -4.91 23.06
CA PHE B 14 -36.85 -3.46 23.07
C PHE B 14 -37.65 -2.76 21.97
N ASN B 15 -38.47 -1.78 22.36
CA ASN B 15 -39.35 -1.11 21.41
C ASN B 15 -38.58 -0.05 20.65
N THR B 16 -38.75 -0.05 19.32
CA THR B 16 -38.20 0.94 18.43
C THR B 16 -39.28 1.43 17.48
N ASN B 17 -39.21 2.70 17.12
CA ASN B 17 -40.07 3.23 16.07
C ASN B 17 -39.37 3.03 14.71
N ASP B 18 -40.04 3.44 13.65
CA ASP B 18 -39.53 3.13 12.32
C ASP B 18 -38.36 4.00 11.95
N GLU B 19 -38.33 5.27 12.40
CA GLU B 19 -37.15 6.10 12.11
C GLU B 19 -35.89 5.46 12.70
N THR B 20 -35.99 4.99 13.97
CA THR B 20 -34.85 4.32 14.62
C THR B 20 -34.44 3.07 13.85
N LYS B 21 -35.41 2.26 13.40
CA LYS B 21 -35.07 1.09 12.61
C LYS B 21 -34.25 1.45 11.40
N ARG B 22 -34.72 2.45 10.63
CA ARG B 22 -34.00 2.85 9.42
C ARG B 22 -32.56 3.25 9.73
N ILE B 23 -32.38 3.97 10.84
CA ILE B 23 -31.05 4.42 11.22
C ILE B 23 -30.15 3.25 11.61
N VAL B 24 -30.68 2.29 12.36
CA VAL B 24 -29.88 1.13 12.77
C VAL B 24 -29.57 0.25 11.56
N TRP B 25 -30.58 0.01 10.71
CA TRP B 25 -30.33 -0.78 9.51
C TRP B 25 -29.25 -0.15 8.63
N THR B 26 -29.24 1.18 8.51
CA THR B 26 -28.19 1.83 7.70
C THR B 26 -26.83 1.76 8.36
N GLN B 27 -26.74 2.05 9.67
CA GLN B 27 -25.38 2.08 10.24
C GLN B 27 -24.79 0.69 10.28
N THR B 28 -25.60 -0.37 10.23
CA THR B 28 -25.05 -1.73 10.25
C THR B 28 -24.94 -2.35 8.86
N ALA B 29 -25.36 -1.64 7.82
CA ALA B 29 -25.41 -2.17 6.44
C ALA B 29 -26.31 -3.39 6.31
N GLY B 30 -27.28 -3.57 7.21
CA GLY B 30 -28.25 -4.61 7.04
C GLY B 30 -27.81 -6.02 7.33
N HIS B 31 -26.76 -6.22 8.12
CA HIS B 31 -26.29 -7.55 8.52
C HIS B 31 -26.37 -7.70 10.04
N CYS B 32 -26.54 -8.96 10.50
CA CYS B 32 -26.45 -9.29 11.91
C CYS B 32 -25.07 -9.03 12.42
N GLU B 33 -24.99 -8.35 13.55
CA GLU B 33 -23.67 -7.98 14.09
C GLU B 33 -22.99 -9.16 14.78
N LEU B 34 -23.69 -10.25 15.06
CA LEU B 34 -23.03 -11.38 15.72
C LEU B 34 -22.63 -12.49 14.75
N CYS B 35 -23.41 -12.78 13.73
CA CYS B 35 -23.08 -13.81 12.78
C CYS B 35 -22.77 -13.30 11.39
N GLY B 36 -23.13 -12.06 11.07
CA GLY B 36 -22.85 -11.50 9.76
C GLY B 36 -23.85 -11.85 8.63
N THR B 37 -24.92 -12.56 8.90
CA THR B 37 -25.88 -12.85 7.84
C THR B 37 -26.42 -11.55 7.24
N ASP B 38 -26.57 -11.50 5.93
CA ASP B 38 -27.22 -10.38 5.26
C ASP B 38 -28.71 -10.50 5.51
N LEU B 39 -29.28 -9.56 6.22
CA LEU B 39 -30.71 -9.60 6.47
C LEU B 39 -31.57 -8.99 5.35
N THR B 40 -30.97 -8.62 4.21
CA THR B 40 -31.80 -8.22 3.07
C THR B 40 -32.11 -9.36 2.13
N PHE B 41 -31.87 -10.61 2.56
CA PHE B 41 -32.11 -11.77 1.71
C PHE B 41 -33.48 -11.72 1.05
N ASP B 42 -34.53 -11.39 1.81
CA ASP B 42 -35.90 -11.46 1.25
C ASP B 42 -36.02 -10.55 0.04
N TYR B 43 -35.49 -9.32 0.14
CA TYR B 43 -35.59 -8.41 -0.98
C TYR B 43 -34.84 -8.93 -2.19
N ARG B 44 -33.62 -9.45 -1.96
CA ARG B 44 -32.86 -10.01 -3.07
C ARG B 44 -33.62 -11.16 -3.74
N ALA B 45 -34.55 -11.81 -3.04
CA ALA B 45 -35.33 -12.92 -3.55
C ALA B 45 -36.66 -12.49 -4.13
N GLY B 46 -36.87 -11.20 -4.32
CA GLY B 46 -38.15 -10.77 -4.88
C GLY B 46 -39.29 -10.68 -3.89
N LYS B 47 -39.08 -11.08 -2.64
CA LYS B 47 -40.09 -11.03 -1.59
C LYS B 47 -40.10 -9.64 -0.95
N PRO B 48 -41.23 -9.23 -0.40
CA PRO B 48 -41.28 -7.96 0.33
C PRO B 48 -40.44 -8.02 1.59
N MET B 49 -39.71 -6.94 1.85
CA MET B 49 -38.99 -6.80 3.10
C MET B 49 -39.97 -6.63 4.27
N LYS B 50 -39.91 -7.54 5.25
CA LYS B 50 -40.60 -7.35 6.52
C LYS B 50 -39.55 -6.96 7.55
N TRP B 51 -39.23 -5.66 7.56
CA TRP B 51 -38.06 -5.17 8.27
C TRP B 51 -38.14 -5.48 9.76
N GLY B 52 -39.33 -5.43 10.34
CA GLY B 52 -39.41 -5.71 11.74
C GLY B 52 -39.45 -7.19 12.11
N GLU B 53 -39.57 -8.08 11.14
CA GLU B 53 -39.64 -9.50 11.40
C GLU B 53 -38.33 -10.23 11.13
N VAL B 54 -37.51 -9.78 10.20
CA VAL B 54 -36.30 -10.49 9.90
C VAL B 54 -35.14 -10.04 10.78
N ALA B 55 -35.33 -9.00 11.61
CA ALA B 55 -34.29 -8.49 12.50
C ALA B 55 -34.87 -8.08 13.83
N ALA B 56 -34.00 -8.04 14.84
CA ALA B 56 -34.34 -7.47 16.15
C ALA B 56 -33.33 -6.36 16.42
N ILE B 57 -33.78 -5.31 17.08
CA ILE B 57 -32.92 -4.22 17.49
C ILE B 57 -32.83 -4.25 19.02
N LEU B 58 -31.63 -4.11 19.54
CA LEU B 58 -31.33 -4.40 20.94
C LEU B 58 -30.30 -3.37 21.35
N PRO B 59 -30.43 -2.80 22.54
CA PRO B 59 -29.33 -1.97 23.05
C PRO B 59 -28.10 -2.85 23.30
N ALA B 60 -26.97 -2.31 23.07
CA ALA B 60 -25.75 -3.03 23.22
C ALA B 60 -25.33 -3.24 24.67
N SER B 61 -25.81 -2.44 25.60
CA SER B 61 -25.34 -2.46 26.99
C SER B 61 -26.49 -2.66 27.96
N PRO B 62 -26.24 -3.35 29.07
CA PRO B 62 -27.27 -3.54 30.05
C PRO B 62 -27.64 -2.23 30.68
N LYS B 63 -28.77 -2.25 31.42
CA LYS B 63 -29.09 -1.14 32.31
C LYS B 63 -28.22 -1.17 33.57
N GLY B 64 -27.95 -2.38 34.12
CA GLY B 64 -27.08 -2.55 35.25
C GLY B 64 -27.11 -3.97 35.79
N PRO B 65 -26.93 -4.15 37.12
CA PRO B 65 -27.10 -5.48 37.74
C PRO B 65 -28.52 -5.99 37.56
N ARG B 66 -28.65 -7.20 36.98
CA ARG B 66 -29.95 -7.73 36.57
C ARG B 66 -30.51 -6.74 35.53
N GLY B 67 -31.76 -6.29 35.66
CA GLY B 67 -32.26 -5.20 34.85
C GLY B 67 -32.47 -3.95 35.69
N ARG B 68 -31.45 -3.57 36.48
CA ARG B 68 -31.54 -2.49 37.46
C ARG B 68 -30.58 -1.38 37.02
N ALA B 69 -31.13 -0.28 36.50
CA ALA B 69 -30.33 0.84 36.01
C ALA B 69 -29.33 1.32 37.06
N ASP B 70 -28.06 1.01 36.88
CA ASP B 70 -27.01 1.64 37.67
C ASP B 70 -26.66 3.02 37.13
N HIS B 71 -27.36 3.46 36.09
CA HIS B 71 -27.11 4.72 35.40
C HIS B 71 -28.40 5.11 34.65
N ASP B 72 -28.33 6.18 33.87
CA ASP B 72 -29.43 6.58 32.99
C ASP B 72 -29.36 5.70 31.74
N ALA B 73 -30.00 4.51 31.83
CA ALA B 73 -30.02 3.56 30.71
C ALA B 73 -30.79 4.13 29.52
N GLU B 74 -31.90 4.83 29.79
CA GLU B 74 -32.71 5.42 28.74
C GLU B 74 -31.97 6.56 28.03
N ALA B 75 -31.02 7.22 28.72
CA ALA B 75 -30.21 8.28 28.11
C ALA B 75 -29.15 7.72 27.16
N HIS B 76 -28.71 6.47 27.40
CA HIS B 76 -27.74 5.79 26.54
C HIS B 76 -28.42 5.17 25.32
N THR B 77 -29.49 4.37 25.53
CA THR B 77 -30.26 3.85 24.39
C THR B 77 -30.92 4.96 23.57
N ASN B 78 -31.12 6.15 24.15
CA ASN B 78 -31.57 7.31 23.37
C ASN B 78 -30.66 7.51 22.16
N ASP B 79 -29.37 7.25 22.33
CA ASP B 79 -28.42 7.25 21.24
C ASP B 79 -28.63 5.99 20.38
N THR B 80 -29.02 6.21 19.13
CA THR B 80 -29.13 5.13 18.18
C THR B 80 -27.78 4.50 17.92
N ALA B 81 -26.69 5.17 18.26
CA ALA B 81 -25.38 4.60 18.03
C ALA B 81 -25.11 3.43 18.94
N ASN B 82 -25.83 3.30 20.04
CA ASN B 82 -25.68 2.22 21.01
C ASN B 82 -26.70 1.10 20.81
N LEU B 83 -27.38 1.08 19.68
CA LEU B 83 -28.38 0.07 19.34
C LEU B 83 -27.86 -0.87 18.29
N MET B 84 -28.11 -2.19 18.49
CA MET B 84 -27.53 -3.22 17.63
C MET B 84 -28.56 -3.80 16.69
N LEU B 85 -28.13 -4.30 15.53
CA LEU B 85 -29.01 -5.14 14.67
C LEU B 85 -28.60 -6.63 14.73
N LEU B 86 -29.56 -7.50 15.02
CA LEU B 86 -29.34 -8.92 15.09
C LEU B 86 -30.39 -9.70 14.32
N CYS B 87 -29.98 -10.81 13.72
CA CYS B 87 -30.99 -11.76 13.21
C CYS B 87 -31.71 -12.42 14.38
N PRO B 88 -32.87 -12.98 14.12
CA PRO B 88 -33.67 -13.49 15.24
C PRO B 88 -33.01 -14.63 15.96
N GLY B 89 -32.31 -15.51 15.25
CA GLY B 89 -31.65 -16.62 15.88
C GLY B 89 -30.58 -16.15 16.86
N CYS B 90 -29.81 -15.13 16.48
CA CYS B 90 -28.82 -14.58 17.41
C CYS B 90 -29.49 -13.86 18.58
N HIS B 91 -30.51 -13.05 18.31
CA HIS B 91 -31.24 -12.39 19.37
C HIS B 91 -31.74 -13.36 20.41
N ASP B 92 -32.15 -14.56 19.96
CA ASP B 92 -32.74 -15.54 20.85
C ASP B 92 -31.73 -16.13 21.83
N LYS B 93 -30.46 -16.15 21.44
CA LYS B 93 -29.32 -16.54 22.26
C LYS B 93 -28.81 -15.44 23.16
N ILE B 94 -29.42 -14.25 23.15
CA ILE B 94 -29.02 -13.16 24.03
C ILE B 94 -29.97 -13.13 25.20
N ASP B 95 -29.50 -13.50 26.39
CA ASP B 95 -30.35 -13.42 27.56
C ASP B 95 -30.58 -11.98 27.89
N ARG B 96 -31.83 -11.61 28.19
CA ARG B 96 -32.20 -10.20 28.40
C ARG B 96 -33.10 -10.07 29.61
N ASP B 97 -33.28 -8.82 30.06
CA ASP B 97 -34.28 -8.54 31.10
C ASP B 97 -35.63 -8.28 30.45
N ALA B 98 -36.59 -7.74 31.22
CA ALA B 98 -37.95 -7.57 30.71
C ALA B 98 -38.16 -6.29 29.90
N ASP B 99 -37.16 -5.45 29.74
CA ASP B 99 -37.26 -4.28 28.86
C ASP B 99 -36.53 -4.48 27.57
N GLY B 100 -35.92 -5.65 27.38
CA GLY B 100 -35.18 -5.93 26.17
C GLY B 100 -33.69 -5.64 26.23
N TYR B 101 -33.15 -5.24 27.40
CA TYR B 101 -31.73 -4.90 27.45
C TYR B 101 -30.91 -6.16 27.68
N PRO B 102 -29.76 -6.29 27.05
CA PRO B 102 -28.93 -7.46 27.31
C PRO B 102 -28.55 -7.52 28.79
N GLU B 103 -28.31 -8.72 29.28
CA GLU B 103 -27.89 -8.90 30.65
C GLU B 103 -26.41 -8.69 30.73
N ASN B 104 -25.69 -9.07 29.69
CA ASN B 104 -24.25 -8.86 29.58
C ASN B 104 -23.94 -7.82 28.51
N ASP B 105 -22.77 -7.16 28.65
CA ASP B 105 -22.41 -6.06 27.83
C ASP B 105 -21.84 -6.51 26.50
N LEU B 106 -22.39 -5.97 25.39
CA LEU B 106 -21.92 -6.25 24.05
C LEU B 106 -21.33 -5.02 23.37
N SER B 107 -21.10 -3.95 24.14
CA SER B 107 -20.68 -2.66 23.62
C SER B 107 -19.40 -2.76 22.84
N GLY B 108 -18.45 -3.56 23.30
CA GLY B 108 -17.19 -3.63 22.59
C GLY B 108 -17.37 -4.26 21.24
N LEU B 109 -18.04 -5.39 21.20
CA LEU B 109 -18.22 -6.07 19.91
C LEU B 109 -19.02 -5.19 18.95
N HIS B 110 -20.04 -4.47 19.48
CA HIS B 110 -20.86 -3.62 18.63
C HIS B 110 -20.10 -2.41 18.08
N GLN B 111 -19.30 -1.78 18.91
CA GLN B 111 -18.56 -0.65 18.41
C GLN B 111 -17.48 -1.05 17.47
N ALA B 112 -16.89 -2.21 17.65
CA ALA B 112 -15.96 -2.73 16.65
C ALA B 112 -16.62 -3.02 15.32
N TYR B 113 -17.84 -3.57 15.35
CA TYR B 113 -18.57 -3.78 14.10
C TYR B 113 -18.82 -2.49 13.36
N LEU B 114 -19.29 -1.48 14.09
CA LEU B 114 -19.54 -0.22 13.42
C LEU B 114 -18.28 0.36 12.82
N GLU B 115 -17.14 0.20 13.48
CA GLU B 115 -15.92 0.79 12.94
C GLU B 115 -15.53 0.11 11.65
N ARG B 116 -15.69 -1.21 11.59
CA ARG B 116 -15.36 -1.91 10.35
C ARG B 116 -16.26 -1.47 9.19
N ILE B 117 -17.56 -1.28 9.42
CA ILE B 117 -18.45 -0.76 8.34
C ILE B 117 -18.03 0.65 7.92
N ARG B 118 -17.72 1.52 8.91
CA ARG B 118 -17.33 2.88 8.55
C ARG B 118 -16.04 2.91 7.78
N LEU B 119 -15.08 2.08 8.13
CA LEU B 119 -13.80 2.12 7.38
C LEU B 119 -14.04 1.66 5.97
N ALA B 120 -14.98 0.73 5.78
CA ALA B 120 -15.29 0.35 4.40
C ALA B 120 -16.09 1.43 3.69
N ALA B 121 -17.11 2.01 4.35
CA ALA B 121 -17.92 3.03 3.69
C ALA B 121 -17.14 4.27 3.31
N THR B 122 -16.09 4.64 4.06
CA THR B 122 -15.29 5.81 3.74
C THR B 122 -14.13 5.50 2.81
N THR B 123 -14.00 4.28 2.36
CA THR B 123 -12.90 3.97 1.47
C THR B 123 -12.76 4.78 0.21
N PRO B 124 -13.84 5.34 -0.37
CA PRO B 124 -13.63 6.25 -1.53
C PRO B 124 -12.78 7.45 -1.23
N ASP B 125 -12.72 7.96 0.02
CA ASP B 125 -11.89 9.15 0.24
C ASP B 125 -10.41 8.78 0.30
N GLY B 126 -10.10 7.51 0.32
CA GLY B 126 -8.74 7.07 0.19
C GLY B 126 -8.27 7.13 -1.23
N GLY B 127 -9.14 7.57 -2.14
CA GLY B 127 -8.69 7.78 -3.52
C GLY B 127 -8.17 9.15 -3.85
N ARG B 128 -8.11 10.07 -2.90
CA ARG B 128 -7.65 11.43 -3.13
C ARG B 128 -6.30 11.40 -3.78
N ALA B 129 -6.14 12.16 -4.88
CA ALA B 129 -5.01 11.93 -5.75
C ALA B 129 -4.50 13.18 -6.41
N ILE B 130 -3.20 13.16 -6.73
CA ILE B 130 -2.53 14.22 -7.52
C ILE B 130 -2.30 13.67 -8.93
N PRO B 131 -2.82 14.31 -9.97
CA PRO B 131 -2.43 13.93 -11.32
C PRO B 131 -1.11 14.54 -11.73
N LEU B 132 -0.28 13.75 -12.40
CA LEU B 132 1.03 14.23 -12.84
C LEU B 132 1.32 13.68 -14.20
N ILE B 133 1.45 14.56 -15.18
CA ILE B 133 1.84 14.23 -16.56
C ILE B 133 3.20 14.80 -16.82
N VAL B 134 4.13 13.96 -17.27
CA VAL B 134 5.51 14.41 -17.56
C VAL B 134 5.88 14.01 -18.97
N GLN B 135 6.20 14.98 -19.82
CA GLN B 135 6.64 14.68 -21.16
C GLN B 135 7.92 15.44 -21.51
N SER B 136 8.60 14.93 -22.47
CA SER B 136 9.64 15.67 -23.13
C SER B 136 9.00 16.65 -24.08
N GLN B 137 9.72 17.73 -24.37
CA GLN B 137 9.22 18.72 -25.33
C GLN B 137 8.80 18.06 -26.64
N HIS B 138 9.56 17.06 -27.07
CA HIS B 138 9.25 16.41 -28.34
C HIS B 138 7.92 15.65 -28.29
N PHE B 139 7.69 14.82 -27.27
CA PHE B 139 6.43 14.09 -27.23
C PHE B 139 5.27 15.01 -26.87
N GLN B 140 5.54 16.06 -26.09
CA GLN B 140 4.49 17.04 -25.88
C GLN B 140 4.00 17.64 -27.19
N THR B 141 4.89 17.78 -28.17
CA THR B 141 4.45 18.38 -29.43
C THR B 141 3.73 17.37 -30.32
N ILE B 142 4.30 16.18 -30.47
CA ILE B 142 3.73 15.16 -31.32
C ILE B 142 2.66 14.28 -30.64
N ASN B 143 2.57 14.29 -29.32
CA ASN B 143 1.68 13.32 -28.69
C ASN B 143 1.28 13.87 -27.34
N ASP B 144 0.67 15.06 -27.34
CA ASP B 144 0.35 15.68 -26.05
C ASP B 144 -0.70 14.85 -25.32
N ILE B 145 -0.47 14.61 -24.04
CA ILE B 145 -1.42 13.92 -23.19
C ILE B 145 -2.23 14.98 -22.44
N PRO B 146 -3.50 15.16 -22.75
CA PRO B 146 -4.28 16.14 -22.01
C PRO B 146 -4.64 15.62 -20.64
N VAL B 147 -4.72 16.54 -19.69
CA VAL B 147 -5.02 16.16 -18.31
C VAL B 147 -6.35 15.44 -18.24
N ARG B 148 -7.32 15.88 -19.02
CA ARG B 148 -8.62 15.20 -19.06
C ARG B 148 -8.48 13.70 -19.28
N ASP B 149 -7.51 13.27 -20.07
CA ASP B 149 -7.42 11.85 -20.36
C ASP B 149 -6.90 11.09 -19.18
N LEU B 150 -6.00 11.68 -18.41
CA LEU B 150 -5.55 10.99 -17.20
C LEU B 150 -6.65 11.01 -16.17
N LEU B 151 -7.40 12.11 -16.05
CA LEU B 151 -8.40 12.19 -14.99
C LEU B 151 -9.47 11.12 -15.16
N THR B 152 -9.97 10.96 -16.38
CA THR B 152 -11.04 9.95 -16.55
C THR B 152 -10.52 8.52 -16.33
N ALA B 153 -9.26 8.25 -16.68
CA ALA B 153 -8.66 6.95 -16.34
C ALA B 153 -8.47 6.82 -14.85
N MET B 154 -8.02 7.91 -14.18
CA MET B 154 -7.94 7.89 -12.71
C MET B 154 -9.32 7.67 -12.08
N SER B 155 -10.33 8.37 -12.59
CA SER B 155 -11.63 8.32 -11.94
C SER B 155 -12.19 6.91 -11.99
N ALA B 156 -12.04 6.23 -13.15
CA ALA B 156 -12.58 4.88 -13.35
C ALA B 156 -11.99 3.88 -12.38
N GLU B 157 -10.89 4.21 -11.79
CA GLU B 157 -10.20 3.35 -10.82
C GLU B 157 -10.39 3.83 -9.39
N GLY B 158 -11.19 4.87 -9.18
CA GLY B 158 -11.39 5.34 -7.86
C GLY B 158 -10.45 6.42 -7.41
N LEU B 159 -9.64 6.98 -8.32
CA LEU B 159 -8.74 8.01 -7.91
C LEU B 159 -9.35 9.37 -8.27
N THR B 160 -9.36 10.30 -7.30
CA THR B 160 -10.11 11.56 -7.44
C THR B 160 -9.20 12.73 -7.14
N ALA B 161 -8.87 13.47 -8.17
CA ALA B 161 -8.18 14.71 -7.99
C ALA B 161 -9.13 15.76 -7.40
N PHE B 162 -8.54 16.77 -6.72
CA PHE B 162 -9.28 17.80 -6.03
C PHE B 162 -8.73 19.16 -6.39
N ASP B 163 -7.74 19.22 -7.26
CA ASP B 163 -7.21 20.46 -7.79
C ASP B 163 -6.61 20.18 -9.16
N GLN B 164 -6.13 21.22 -9.78
CA GLN B 164 -5.60 21.11 -11.13
C GLN B 164 -4.46 20.12 -11.13
N GLY B 165 -4.28 19.44 -12.25
CA GLY B 165 -3.21 18.49 -12.30
C GLY B 165 -1.88 19.15 -12.64
N ILE B 166 -0.80 18.44 -12.39
CA ILE B 166 0.51 18.93 -12.72
C ILE B 166 0.90 18.38 -14.08
N LYS B 167 1.27 19.25 -14.97
CA LYS B 167 1.78 18.85 -16.27
C LYS B 167 3.13 19.53 -16.48
N ILE B 168 4.16 18.74 -16.60
CA ILE B 168 5.55 19.21 -16.69
C ILE B 168 6.08 18.77 -18.05
N ALA B 169 6.92 19.60 -18.64
CA ALA B 169 7.62 19.24 -19.85
C ALA B 169 9.10 19.44 -19.59
N PHE B 170 9.88 18.39 -19.73
CA PHE B 170 11.31 18.53 -19.53
C PHE B 170 11.89 19.43 -20.59
N ALA B 171 12.57 20.47 -20.12
CA ALA B 171 13.37 21.31 -21.03
C ALA B 171 14.37 20.48 -21.81
N ALA B 172 14.61 20.88 -23.04
CA ALA B 172 15.65 20.22 -23.82
C ALA B 172 17.03 20.70 -23.37
N PRO B 173 18.06 19.92 -23.63
CA PRO B 173 19.39 20.27 -23.14
C PRO B 173 20.06 21.34 -24.00
N GLY B 174 20.96 22.08 -23.35
CA GLY B 174 21.78 23.03 -24.05
C GLY B 174 23.02 22.39 -24.61
N PRO B 175 24.06 23.20 -24.81
CA PRO B 175 25.31 22.66 -25.38
C PRO B 175 26.04 21.69 -24.47
N ARG B 176 25.97 21.85 -23.14
CA ARG B 176 26.59 20.92 -22.20
C ARG B 176 25.95 19.52 -22.23
N GLY B 177 24.84 19.34 -22.92
CA GLY B 177 24.17 18.06 -22.94
C GLY B 177 23.44 17.78 -21.66
N ARG B 178 22.99 16.54 -21.55
CA ARG B 178 22.29 16.07 -20.36
C ARG B 178 23.34 15.75 -19.30
N ASP B 179 23.89 16.81 -18.72
CA ASP B 179 24.98 16.65 -17.77
C ASP B 179 24.42 16.52 -16.37
N THR B 180 25.29 16.50 -15.37
CA THR B 180 24.83 16.28 -14.00
C THR B 180 23.90 17.41 -13.56
N THR B 181 24.25 18.62 -13.88
CA THR B 181 23.38 19.76 -13.55
C THR B 181 22.01 19.58 -14.21
N TYR B 182 22.00 19.08 -15.43
CA TYR B 182 20.72 18.95 -16.12
C TYR B 182 19.84 17.94 -15.41
N TRP B 183 20.43 16.82 -14.97
CA TRP B 183 19.60 15.81 -14.37
C TRP B 183 19.19 16.22 -12.96
N GLN B 184 20.00 16.99 -12.29
CA GLN B 184 19.62 17.48 -10.97
C GLN B 184 18.49 18.51 -11.06
N ASN B 185 18.50 19.36 -12.05
CA ASN B 185 17.38 20.28 -12.20
C ASN B 185 16.13 19.54 -12.60
N VAL B 186 16.25 18.48 -13.40
CA VAL B 186 15.08 17.60 -13.66
C VAL B 186 14.50 17.07 -12.38
N LYS B 187 15.36 16.50 -11.54
CA LYS B 187 14.90 15.85 -10.32
C LYS B 187 14.29 16.88 -9.37
N ASP B 188 14.97 18.02 -9.19
CA ASP B 188 14.43 19.08 -8.33
C ASP B 188 13.10 19.59 -8.85
N SER B 189 12.93 19.68 -10.16
CA SER B 189 11.70 20.21 -10.70
C SER B 189 10.56 19.30 -10.36
N VAL B 190 10.80 17.99 -10.42
CA VAL B 190 9.71 17.06 -10.14
C VAL B 190 9.45 17.02 -8.65
N GLN B 191 10.51 16.98 -7.83
CA GLN B 191 10.26 16.81 -6.40
C GLN B 191 9.71 18.09 -5.80
N TYR B 192 10.05 19.23 -6.32
CA TYR B 192 9.39 20.47 -5.91
C TYR B 192 7.88 20.39 -6.09
N GLU B 193 7.42 20.15 -7.33
CA GLU B 193 5.96 20.07 -7.56
C GLU B 193 5.33 18.96 -6.73
N LEU B 194 5.99 17.83 -6.65
CA LEU B 194 5.43 16.71 -5.94
C LEU B 194 5.28 17.03 -4.46
N GLU B 195 6.27 17.64 -3.87
CA GLU B 195 6.20 17.88 -2.44
C GLU B 195 5.12 18.89 -2.12
N GLN B 196 5.00 19.94 -2.93
CA GLN B 196 3.95 20.91 -2.60
C GLN B 196 2.58 20.30 -2.67
N GLN B 197 2.39 19.35 -3.57
CA GLN B 197 1.03 18.81 -3.68
C GLN B 197 0.80 17.70 -2.68
N LEU B 198 1.86 16.96 -2.33
CA LEU B 198 1.64 16.00 -1.21
C LEU B 198 1.51 16.62 0.21
N LYS B 199 1.80 17.89 0.43
CA LYS B 199 1.39 18.56 1.67
C LYS B 199 -0.15 18.67 1.83
N ARG B 200 -0.92 18.38 0.76
CA ARG B 200 -2.34 18.63 0.74
C ARG B 200 -3.09 17.40 1.26
N ARG B 201 -2.91 17.16 2.56
CA ARG B 201 -3.50 16.06 3.24
C ARG B 201 -4.99 16.25 3.38
N GLY B 202 -5.68 15.12 3.62
CA GLY B 202 -7.12 15.22 3.71
C GLY B 202 -7.73 13.91 3.99
N GLY B 203 -9.04 13.80 3.75
CA GLY B 203 -9.70 12.57 4.04
C GLY B 203 -9.95 12.36 5.52
N THR B 204 -10.31 11.12 5.87
CA THR B 204 -10.72 10.74 7.19
C THR B 204 -9.59 10.77 8.17
N TYR B 205 -8.35 10.55 7.73
CA TYR B 205 -7.23 10.34 8.64
C TYR B 205 -6.11 11.30 8.43
N GLY B 206 -6.24 12.27 7.51
CA GLY B 206 -5.14 13.19 7.25
C GLY B 206 -4.04 12.63 6.36
N ASP B 207 -4.31 11.57 5.64
CA ASP B 207 -3.30 10.95 4.79
C ASP B 207 -2.93 11.87 3.64
N SER B 208 -1.67 11.77 3.20
CA SER B 208 -1.26 12.47 2.02
C SER B 208 -1.96 11.89 0.81
N PRO B 209 -2.23 12.70 -0.21
CA PRO B 209 -2.86 12.13 -1.40
C PRO B 209 -1.99 11.15 -2.16
N ALA B 210 -2.65 10.26 -2.86
CA ALA B 210 -1.93 9.39 -3.79
C ALA B 210 -1.47 10.13 -5.02
N LEU B 211 -0.46 9.59 -5.67
CA LEU B 211 0.10 10.18 -6.84
C LEU B 211 -0.31 9.33 -8.03
N ALA B 212 -0.84 9.99 -9.07
CA ALA B 212 -1.23 9.26 -10.29
C ALA B 212 -0.39 9.85 -11.40
N VAL B 213 0.55 9.06 -11.97
CA VAL B 213 1.59 9.63 -12.80
C VAL B 213 1.65 8.89 -14.09
N VAL B 214 1.84 9.63 -15.21
CA VAL B 214 2.11 9.04 -16.52
C VAL B 214 3.23 9.83 -17.18
N GLY B 215 4.11 9.14 -17.88
CA GLY B 215 5.21 9.82 -18.56
C GLY B 215 5.41 9.36 -19.99
N LEU B 216 5.89 10.29 -20.81
CA LEU B 216 6.25 10.03 -22.21
C LEU B 216 7.43 10.95 -22.54
N ALA B 217 8.63 10.35 -22.60
CA ALA B 217 9.91 11.00 -22.73
C ALA B 217 10.97 9.96 -23.05
N ASP B 218 12.17 10.42 -23.32
CA ASP B 218 13.28 9.48 -23.45
C ASP B 218 13.45 8.61 -22.23
N ILE B 219 13.89 7.40 -22.45
CA ILE B 219 13.96 6.44 -21.37
C ILE B 219 14.81 6.95 -20.20
N PRO B 220 15.95 7.62 -20.43
CA PRO B 220 16.72 8.11 -19.27
C PRO B 220 15.94 9.17 -18.49
N ALA B 221 15.17 10.04 -19.14
CA ALA B 221 14.39 11.00 -18.40
C ALA B 221 13.29 10.34 -17.61
N LEU B 222 12.65 9.30 -18.19
CA LEU B 222 11.68 8.54 -17.45
C LEU B 222 12.32 7.87 -16.24
N MET B 223 13.53 7.39 -16.36
CA MET B 223 14.14 6.79 -15.17
C MET B 223 14.40 7.82 -14.11
N MET B 224 14.72 9.04 -14.49
CA MET B 224 14.91 10.11 -13.50
C MET B 224 13.58 10.50 -12.87
N LEU B 225 12.48 10.47 -13.64
CA LEU B 225 11.16 10.62 -13.01
C LEU B 225 10.91 9.53 -11.96
N GLY B 226 11.22 8.29 -12.29
CA GLY B 226 11.17 7.25 -11.29
C GLY B 226 12.07 7.52 -10.09
N GLN B 227 13.27 8.04 -10.34
CA GLN B 227 14.15 8.37 -9.20
C GLN B 227 13.50 9.41 -8.32
N SER B 228 12.73 10.30 -8.90
CA SER B 228 12.16 11.41 -8.18
C SER B 228 10.99 10.97 -7.33
N ILE B 229 10.19 10.01 -7.83
CA ILE B 229 8.96 9.58 -7.12
C ILE B 229 9.19 8.42 -6.20
N GLY B 230 10.14 7.56 -6.48
CA GLY B 230 10.34 6.39 -5.62
C GLY B 230 9.19 5.39 -5.67
N ASP B 231 9.24 4.41 -4.72
CA ASP B 231 8.24 3.33 -4.68
C ASP B 231 7.81 2.99 -3.27
N ARG B 232 7.93 3.98 -2.37
CA ARG B 232 7.56 3.85 -0.97
C ARG B 232 6.47 4.85 -0.58
N SER B 233 5.40 4.94 -1.35
CA SER B 233 4.28 5.81 -1.04
C SER B 233 3.11 5.34 -1.89
N LYS B 234 1.94 5.85 -1.62
CA LYS B 234 0.79 5.43 -2.41
C LYS B 234 0.90 6.14 -3.76
N ARG B 235 1.26 5.39 -4.78
CA ARG B 235 1.52 5.93 -6.10
C ARG B 235 0.97 4.91 -7.09
N LEU B 236 0.36 5.39 -8.17
CA LEU B 236 -0.11 4.53 -9.24
C LEU B 236 0.37 5.05 -10.57
N ILE B 237 1.19 4.28 -11.27
CA ILE B 237 1.58 4.58 -12.62
C ILE B 237 0.44 4.29 -13.57
N PHE B 238 0.25 5.22 -14.52
CA PHE B 238 -0.59 5.02 -15.70
C PHE B 238 0.30 4.96 -16.94
N SER B 239 -0.28 4.51 -18.06
CA SER B 239 0.51 4.24 -19.24
C SER B 239 -0.23 4.68 -20.50
N PHE B 240 0.47 5.44 -21.35
CA PHE B 240 -0.05 5.75 -22.67
C PHE B 240 0.18 4.57 -23.61
N HIS B 241 -0.86 4.16 -24.32
CA HIS B 241 -0.86 2.99 -25.19
C HIS B 241 -1.31 3.48 -26.55
N ARG B 242 -0.63 3.03 -27.60
CA ARG B 242 -0.89 3.60 -28.91
C ARG B 242 -2.34 3.40 -29.33
N GLU B 243 -2.97 2.32 -28.91
CA GLU B 243 -4.36 2.05 -29.28
C GLU B 243 -5.37 2.39 -28.18
N HIS B 244 -5.07 2.14 -26.90
CA HIS B 244 -6.02 2.40 -25.82
C HIS B 244 -5.77 3.69 -25.06
N LEU B 245 -4.75 4.45 -25.44
CA LEU B 245 -4.48 5.78 -24.89
C LEU B 245 -4.21 5.57 -23.42
N LEU B 246 -4.92 6.21 -22.51
CA LEU B 246 -4.62 6.05 -21.09
C LEU B 246 -5.41 4.95 -20.40
N ARG B 247 -6.33 4.30 -21.10
CA ARG B 247 -7.07 3.20 -20.50
C ARG B 247 -6.29 1.92 -20.69
N TRP B 248 -6.31 1.08 -19.66
CA TRP B 248 -5.61 -0.21 -19.68
C TRP B 248 -6.22 -1.09 -20.76
N PRO B 249 -5.40 -1.72 -21.64
CA PRO B 249 -5.98 -2.56 -22.70
C PRO B 249 -6.78 -3.74 -22.16
N ASP B 250 -6.39 -4.31 -21.01
CA ASP B 250 -7.00 -5.56 -20.55
C ASP B 250 -6.66 -5.96 -19.11
N GLN B 251 -7.60 -5.74 -18.20
CA GLN B 251 -7.35 -5.91 -16.79
C GLN B 251 -7.22 -7.34 -16.38
N SER B 252 -7.61 -8.27 -17.22
CA SER B 252 -7.58 -9.67 -16.89
C SER B 252 -6.34 -10.37 -17.43
N ALA B 253 -5.54 -9.72 -18.25
CA ALA B 253 -4.34 -10.33 -18.80
C ALA B 253 -3.34 -10.65 -17.69
N GLU B 254 -2.73 -11.83 -17.79
CA GLU B 254 -1.66 -12.32 -16.95
C GLU B 254 -0.33 -11.79 -17.46
N PRO B 255 0.55 -11.37 -16.55
CA PRO B 255 1.82 -10.82 -16.98
C PRO B 255 2.63 -11.86 -17.76
N PRO B 256 3.43 -11.44 -18.73
CA PRO B 256 4.27 -12.41 -19.45
C PRO B 256 5.41 -12.92 -18.56
N SER B 257 6.05 -13.96 -19.03
CA SER B 257 7.28 -14.47 -18.41
C SER B 257 8.44 -13.62 -18.86
N PHE B 258 9.26 -13.18 -17.91
CA PHE B 258 10.47 -12.42 -18.19
C PHE B 258 11.62 -13.43 -18.26
N LEU B 259 12.05 -13.72 -19.49
CA LEU B 259 13.14 -14.64 -19.73
C LEU B 259 14.49 -13.98 -19.45
N PHE B 260 15.45 -14.76 -18.97
CA PHE B 260 16.76 -14.19 -18.64
C PHE B 260 17.85 -15.05 -19.19
N THR B 261 18.84 -14.42 -19.82
CA THR B 261 20.03 -15.10 -20.35
C THR B 261 21.25 -14.53 -19.64
N PRO B 262 21.98 -15.30 -18.87
CA PRO B 262 23.08 -14.74 -18.09
C PRO B 262 24.19 -14.24 -19.00
N PRO B 263 25.10 -13.42 -18.47
CA PRO B 263 26.22 -12.96 -19.26
C PRO B 263 27.27 -14.03 -19.35
N PRO B 264 28.00 -14.07 -20.46
CA PRO B 264 29.16 -14.96 -20.54
C PRO B 264 30.27 -14.48 -19.60
N ASN B 265 31.19 -15.38 -19.32
CA ASN B 265 32.24 -15.07 -18.38
C ASN B 265 33.36 -14.28 -19.06
N GLY B 266 33.91 -13.33 -18.33
CA GLY B 266 35.04 -12.58 -18.83
C GLY B 266 35.22 -11.30 -18.04
N ASP B 267 36.07 -10.44 -18.58
CA ASP B 267 36.42 -9.18 -17.94
C ASP B 267 35.89 -7.99 -18.69
N GLY B 268 35.24 -8.21 -19.84
CA GLY B 268 34.63 -7.12 -20.56
C GLY B 268 33.59 -6.41 -19.73
N PRO B 269 33.17 -5.22 -20.17
CA PRO B 269 32.12 -4.51 -19.45
C PRO B 269 30.79 -5.23 -19.49
N LEU B 270 30.05 -5.20 -18.39
CA LEU B 270 28.80 -5.94 -18.26
C LEU B 270 27.64 -5.10 -18.81
N ALA B 271 26.87 -5.70 -19.74
CA ALA B 271 25.73 -5.02 -20.34
C ALA B 271 24.41 -5.69 -20.02
N LEU B 272 23.40 -4.90 -19.65
CA LEU B 272 22.08 -5.48 -19.42
C LEU B 272 21.20 -5.02 -20.57
N VAL B 273 20.77 -5.96 -21.42
CA VAL B 273 19.97 -5.67 -22.58
C VAL B 273 18.55 -6.04 -22.21
N LEU B 274 17.64 -5.07 -22.30
CA LEU B 274 16.23 -5.30 -21.97
C LEU B 274 15.42 -5.29 -23.24
N SER B 275 15.06 -6.49 -23.73
CA SER B 275 14.35 -6.62 -25.02
C SER B 275 12.86 -6.90 -24.79
N ILE B 276 12.12 -5.87 -24.40
CA ILE B 276 10.69 -6.01 -24.01
C ILE B 276 9.79 -5.41 -25.07
N SER B 277 10.04 -4.14 -25.48
CA SER B 277 9.30 -3.57 -26.59
C SER B 277 9.67 -4.24 -27.91
N ALA B 278 10.95 -4.53 -28.10
CA ALA B 278 11.48 -5.09 -29.31
C ALA B 278 12.74 -5.87 -28.95
N GLN B 279 13.28 -6.62 -29.90
CA GLN B 279 14.54 -7.32 -29.76
C GLN B 279 15.69 -6.41 -30.17
N VAL B 280 16.56 -6.08 -29.21
CA VAL B 280 17.74 -5.25 -29.43
C VAL B 280 18.86 -6.08 -30.08
N PRO B 281 19.35 -5.68 -31.23
CA PRO B 281 20.43 -6.43 -31.88
C PRO B 281 21.78 -6.28 -31.15
N VAL B 282 22.56 -7.37 -31.09
CA VAL B 282 23.76 -7.27 -30.26
C VAL B 282 24.75 -6.30 -30.86
N ARG B 283 24.80 -6.22 -32.19
CA ARG B 283 25.80 -5.36 -32.84
C ARG B 283 25.58 -3.90 -32.47
N ASP B 284 24.34 -3.50 -32.21
CA ASP B 284 24.08 -2.15 -31.77
C ASP B 284 24.66 -1.89 -30.39
N VAL B 285 24.66 -2.90 -29.55
CA VAL B 285 25.21 -2.78 -28.22
C VAL B 285 26.73 -2.74 -28.27
N THR B 286 27.34 -3.66 -29.02
CA THR B 286 28.81 -3.72 -29.09
C THR B 286 29.42 -2.60 -29.90
N ASP B 287 28.65 -1.95 -30.79
CA ASP B 287 29.15 -0.73 -31.43
C ASP B 287 29.40 0.33 -30.39
N ALA B 288 28.47 0.46 -29.42
CA ALA B 288 28.54 1.52 -28.43
C ALA B 288 29.41 1.15 -27.26
N LEU B 289 29.59 -0.14 -27.00
CA LEU B 289 30.27 -0.60 -25.79
C LEU B 289 31.18 -1.76 -26.20
N PRO B 290 32.40 -1.46 -26.61
CA PRO B 290 33.25 -2.50 -27.16
C PRO B 290 33.63 -3.48 -26.10
N GLY B 291 33.59 -4.77 -26.49
CA GLY B 291 33.85 -5.86 -25.55
C GLY B 291 32.72 -6.20 -24.58
N ALA B 292 31.53 -5.65 -24.75
CA ALA B 292 30.47 -5.88 -23.83
C ALA B 292 30.20 -7.36 -23.61
N ARG B 293 29.87 -7.72 -22.37
CA ARG B 293 29.39 -9.02 -21.99
C ARG B 293 27.90 -8.88 -21.71
N ILE B 294 27.07 -9.51 -22.54
CA ILE B 294 25.64 -9.21 -22.57
C ILE B 294 24.86 -10.20 -21.74
N ALA B 295 24.14 -9.67 -20.75
CA ALA B 295 23.00 -10.32 -20.14
C ALA B 295 21.71 -9.74 -20.71
N GLU B 296 20.69 -10.57 -20.85
CA GLU B 296 19.45 -10.11 -21.49
C GLU B 296 18.19 -10.54 -20.73
N LEU B 297 17.33 -9.60 -20.45
CA LEU B 297 15.99 -9.87 -19.96
C LEU B 297 15.05 -9.60 -21.10
N SER B 298 14.24 -10.58 -21.49
CA SER B 298 13.28 -10.43 -22.56
C SER B 298 11.89 -10.98 -22.15
N ILE B 299 10.91 -10.85 -23.06
CA ILE B 299 9.68 -11.58 -22.93
C ILE B 299 9.60 -12.43 -24.19
N PRO B 300 8.72 -13.44 -24.23
CA PRO B 300 8.68 -14.35 -25.38
C PRO B 300 8.38 -13.70 -26.69
N GLU B 301 7.51 -12.67 -26.70
CA GLU B 301 7.10 -12.02 -27.95
C GLU B 301 7.18 -10.53 -27.71
N PRO B 302 8.35 -9.95 -27.90
CA PRO B 302 8.51 -8.51 -27.64
C PRO B 302 7.48 -7.71 -28.41
N SER B 303 6.96 -6.67 -27.78
CA SER B 303 5.87 -5.92 -28.37
C SER B 303 5.75 -4.55 -27.75
N TYR B 304 5.55 -3.55 -28.59
CA TYR B 304 5.29 -2.21 -28.08
C TYR B 304 4.02 -2.12 -27.29
N ALA B 305 3.10 -3.08 -27.49
CA ALA B 305 1.79 -3.07 -26.83
C ALA B 305 1.70 -3.90 -25.57
N MET B 306 2.83 -4.30 -24.97
CA MET B 306 2.81 -5.36 -23.95
C MET B 306 2.32 -4.89 -22.57
N VAL B 307 2.17 -3.60 -22.31
CA VAL B 307 1.69 -3.12 -21.05
C VAL B 307 0.15 -3.20 -21.02
N GLN B 308 -0.38 -4.38 -20.80
CA GLN B 308 -1.81 -4.61 -20.79
C GLN B 308 -2.51 -4.09 -19.53
N ASN B 309 -1.81 -3.96 -18.42
CA ASN B 309 -2.36 -3.54 -17.15
C ASN B 309 -1.20 -3.27 -16.19
N ARG B 310 -1.50 -2.75 -15.04
CA ARG B 310 -0.46 -2.35 -14.13
C ARG B 310 0.22 -3.55 -13.53
N ARG B 311 -0.41 -4.70 -13.48
CA ARG B 311 0.27 -5.86 -12.94
C ARG B 311 1.52 -6.19 -13.76
N VAL B 312 1.50 -5.90 -15.06
CA VAL B 312 2.65 -6.14 -15.93
C VAL B 312 3.83 -5.28 -15.53
N ILE B 313 3.57 -4.06 -15.12
CA ILE B 313 4.67 -3.20 -14.65
C ILE B 313 5.27 -3.78 -13.38
N HIS B 314 4.42 -4.13 -12.43
CA HIS B 314 4.88 -4.74 -11.16
C HIS B 314 5.64 -6.05 -11.42
N ALA B 315 5.15 -6.86 -12.35
CA ALA B 315 5.85 -8.13 -12.61
C ALA B 315 7.21 -7.92 -13.27
N PHE B 316 7.34 -6.90 -14.11
CA PHE B 316 8.61 -6.59 -14.69
C PHE B 316 9.60 -6.18 -13.63
N ARG B 317 9.17 -5.33 -12.69
CA ARG B 317 10.05 -4.87 -11.66
C ARG B 317 10.52 -6.01 -10.78
N ASP B 318 9.66 -7.02 -10.55
CA ASP B 318 10.01 -8.10 -9.64
C ASP B 318 11.01 -9.01 -10.28
N ALA B 319 10.85 -9.27 -11.57
CA ALA B 319 11.84 -10.05 -12.28
C ALA B 319 13.10 -9.26 -12.50
N LEU B 320 12.99 -7.99 -12.85
CA LEU B 320 14.19 -7.18 -13.00
C LEU B 320 15.02 -7.19 -11.73
N GLN B 321 14.40 -6.94 -10.58
CA GLN B 321 15.20 -6.80 -9.35
C GLN B 321 15.87 -8.13 -8.98
N ILE B 322 15.22 -9.25 -9.22
CA ILE B 322 15.83 -10.52 -8.94
C ILE B 322 17.10 -10.69 -9.76
N ARG B 323 17.10 -10.21 -11.00
CA ARG B 323 18.25 -10.41 -11.87
C ARG B 323 19.33 -9.36 -11.57
N LEU B 324 18.93 -8.19 -11.12
CA LEU B 324 19.94 -7.18 -10.79
C LEU B 324 20.77 -7.62 -9.61
N SER B 325 20.13 -8.23 -8.60
CA SER B 325 20.84 -8.79 -7.46
C SER B 325 21.85 -9.81 -7.91
N GLN B 326 21.47 -10.67 -8.86
CA GLN B 326 22.41 -11.69 -9.34
C GLN B 326 23.57 -11.05 -10.10
N LEU B 327 23.30 -10.06 -10.92
CA LEU B 327 24.35 -9.43 -11.68
C LEU B 327 25.29 -8.65 -10.75
N GLU B 328 24.77 -7.87 -9.82
CA GLU B 328 25.64 -7.11 -8.94
C GLU B 328 26.48 -8.01 -8.06
N ALA B 329 25.99 -9.20 -7.72
CA ALA B 329 26.82 -10.18 -7.01
C ALA B 329 28.09 -10.50 -7.76
N LEU B 330 28.05 -10.42 -9.11
CA LEU B 330 29.15 -10.93 -9.94
C LEU B 330 30.31 -9.95 -10.06
N THR B 331 30.05 -8.67 -9.91
CA THR B 331 31.09 -7.71 -10.15
C THR B 331 30.78 -6.40 -9.47
N PRO B 332 31.80 -5.68 -8.96
CA PRO B 332 31.55 -4.36 -8.41
C PRO B 332 31.48 -3.30 -9.47
N ASP B 333 31.80 -3.63 -10.71
CA ASP B 333 31.87 -2.62 -11.74
C ASP B 333 30.52 -2.22 -12.29
N PRO B 334 30.44 -1.10 -13.04
CA PRO B 334 29.15 -0.57 -13.43
C PRO B 334 28.39 -1.46 -14.40
N ILE B 335 27.07 -1.35 -14.38
CA ILE B 335 26.22 -2.13 -15.26
C ILE B 335 25.71 -1.20 -16.34
N HIS B 336 25.89 -1.58 -17.60
CA HIS B 336 25.61 -0.67 -18.73
C HIS B 336 24.26 -1.08 -19.36
N VAL B 337 23.29 -0.18 -19.34
CA VAL B 337 21.90 -0.56 -19.58
C VAL B 337 21.47 -0.11 -20.97
N PHE B 338 21.01 -1.07 -21.77
CA PHE B 338 20.51 -0.89 -23.14
C PHE B 338 19.07 -1.35 -23.23
N ALA B 339 18.14 -0.46 -23.07
CA ALA B 339 16.72 -0.83 -22.80
C ALA B 339 15.81 -0.49 -23.95
N ALA B 340 15.08 -1.50 -24.42
CA ALA B 340 13.96 -1.37 -25.38
C ALA B 340 12.72 -1.75 -24.58
N ILE B 341 12.18 -0.79 -23.83
CA ILE B 341 11.09 -1.04 -22.92
C ILE B 341 10.05 0.07 -23.08
N PRO B 342 8.80 -0.20 -22.75
CA PRO B 342 7.79 0.86 -22.73
C PRO B 342 8.04 1.89 -21.63
N ALA B 343 7.42 3.04 -21.82
CA ALA B 343 7.66 4.19 -20.96
C ALA B 343 7.33 3.91 -19.50
N ALA B 344 6.23 3.20 -19.25
CA ALA B 344 5.85 2.89 -17.88
C ALA B 344 6.87 2.02 -17.20
N LEU B 345 7.50 1.10 -17.96
CA LEU B 345 8.55 0.24 -17.37
C LEU B 345 9.83 1.04 -17.08
N ALA B 346 10.10 2.08 -17.86
CA ALA B 346 11.29 2.90 -17.58
C ALA B 346 11.12 3.68 -16.34
N ILE B 347 9.90 4.18 -16.08
CA ILE B 347 9.64 4.87 -14.83
C ILE B 347 9.88 3.94 -13.64
N GLU B 348 9.25 2.76 -13.66
CA GLU B 348 9.38 1.85 -12.53
C GLU B 348 10.82 1.38 -12.34
N PHE B 349 11.57 1.21 -13.42
CA PHE B 349 13.00 0.92 -13.30
C PHE B 349 13.73 1.99 -12.50
N GLY B 350 13.55 3.27 -12.84
CA GLY B 350 14.17 4.32 -12.01
C GLY B 350 13.73 4.31 -10.55
N ALA B 351 12.47 4.07 -10.33
CA ALA B 351 11.96 4.07 -8.94
C ALA B 351 12.53 2.91 -8.14
N LEU B 352 12.74 1.77 -8.76
CA LEU B 352 13.34 0.65 -8.06
C LEU B 352 14.69 1.01 -7.45
N LEU B 353 15.44 1.90 -8.08
CA LEU B 353 16.85 2.10 -7.76
C LEU B 353 17.03 3.23 -6.81
N THR B 354 16.15 3.30 -5.81
CA THR B 354 16.08 4.42 -4.87
C THR B 354 16.23 3.93 -3.43
N THR B 355 16.81 2.75 -3.22
CA THR B 355 17.09 2.34 -1.85
C THR B 355 18.39 3.01 -1.38
N GLN B 356 18.73 2.84 -0.10
CA GLN B 356 19.99 3.35 0.39
C GLN B 356 21.13 2.70 -0.37
N HIS B 357 21.09 1.40 -0.52
CA HIS B 357 22.05 0.73 -1.38
C HIS B 357 21.98 1.27 -2.79
N GLN B 358 23.16 1.48 -3.40
CA GLN B 358 23.26 2.00 -4.75
C GLN B 358 24.41 1.30 -5.45
N HIS B 359 24.15 0.71 -6.61
CA HIS B 359 25.16 0.25 -7.55
C HIS B 359 25.21 1.19 -8.75
N THR B 360 26.37 1.30 -9.40
CA THR B 360 26.49 2.18 -10.55
C THR B 360 25.81 1.57 -11.78
N TYR B 361 24.93 2.35 -12.41
CA TYR B 361 24.24 2.00 -13.65
C TYR B 361 24.49 3.10 -14.66
N LEU B 362 24.86 2.74 -15.89
CA LEU B 362 25.07 3.72 -16.97
C LEU B 362 24.00 3.47 -18.04
N ILE B 363 23.13 4.41 -18.21
CA ILE B 363 21.98 4.25 -19.11
C ILE B 363 22.34 4.75 -20.51
N PHE B 364 22.17 3.89 -21.50
CA PHE B 364 22.32 4.26 -22.89
C PHE B 364 20.97 4.53 -23.53
N ASP B 365 20.86 5.70 -24.18
CA ASP B 365 19.73 6.16 -24.98
C ASP B 365 20.09 5.99 -26.47
N ARG B 366 19.08 5.87 -27.30
CA ARG B 366 19.24 5.92 -28.72
C ARG B 366 19.10 7.34 -29.25
N ASP B 367 20.15 7.85 -29.85
CA ASP B 367 20.25 9.25 -30.30
C ASP B 367 19.45 9.40 -31.57
N LYS B 368 18.26 9.98 -31.45
CA LYS B 368 17.43 10.12 -32.65
C LYS B 368 18.05 11.02 -33.67
N GLU B 369 19.03 11.83 -33.27
CA GLU B 369 19.69 12.71 -34.24
C GLU B 369 21.01 12.14 -34.74
N ASN B 370 21.34 10.87 -34.37
CA ASN B 370 22.56 10.17 -34.86
C ASN B 370 22.20 8.71 -35.07
N GLN B 371 21.44 8.45 -36.12
CA GLN B 371 21.14 7.11 -36.60
C GLN B 371 20.58 6.20 -35.52
N ASP B 372 20.00 6.73 -34.45
CA ASP B 372 19.52 5.91 -33.34
C ASP B 372 20.64 5.18 -32.63
N ARG B 373 21.87 5.68 -32.78
CA ARG B 373 23.00 5.10 -32.11
C ARG B 373 22.86 5.10 -30.61
N PHE B 374 23.21 4.00 -29.97
CA PHE B 374 23.17 3.95 -28.50
C PHE B 374 24.23 4.91 -27.89
N THR B 375 23.81 5.70 -26.90
CA THR B 375 24.63 6.78 -26.41
C THR B 375 24.41 6.87 -24.91
N GLN B 376 25.52 6.96 -24.13
CA GLN B 376 25.37 7.08 -22.69
C GLN B 376 24.96 8.46 -22.32
N THR B 377 23.75 8.64 -21.73
CA THR B 377 23.30 9.97 -21.33
C THR B 377 23.10 10.11 -19.83
N LEU B 378 23.10 9.03 -19.06
CA LEU B 378 22.74 9.12 -17.66
C LEU B 378 23.52 8.12 -16.84
N GLN B 379 23.97 8.54 -15.67
CA GLN B 379 24.58 7.65 -14.68
C GLN B 379 23.84 7.72 -13.37
N LEU B 380 23.40 6.57 -12.83
CA LEU B 380 22.78 6.50 -11.52
C LEU B 380 23.70 5.78 -10.57
N GLY B 381 23.72 6.18 -9.34
CA GLY B 381 24.42 5.39 -8.37
C GLY B 381 25.47 6.15 -7.62
N PRO B 382 26.38 5.42 -6.98
CA PRO B 382 27.41 6.07 -6.16
C PRO B 382 28.25 6.92 -7.09
N VAL B 383 28.31 8.21 -6.79
CA VAL B 383 28.97 9.12 -7.70
C VAL B 383 30.15 9.80 -6.99
ZN ZN D . -19.98 12.29 -2.97
C4 Y4F E . 20.80 -4.09 -0.15
C8 Y4F E . 21.98 -3.78 1.67
C1' Y4F E . 19.59 -2.99 1.80
C16 Y4F E . 16.56 -3.85 0.67
C2 Y4F E . 20.27 -4.63 -2.22
C2' Y4F E . 19.00 -1.81 1.00
C21 Y4F E . 14.10 -2.16 2.92
C22 Y4F E . 14.72 -2.24 4.33
C24 Y4F E . 14.30 -0.88 4.89
C25 Y4F E . 15.27 0.24 4.63
C3' Y4F E . 17.60 -1.69 1.58
C32 Y4F E . 12.78 -1.51 3.21
C34 Y4F E . 12.93 0.29 1.38
C36 Y4F E . 11.08 -0.93 1.46
C37 Y4F E . 11.03 -0.01 0.40
C38 Y4F E . 9.91 0.03 -0.42
C4' Y4F E . 17.26 -3.13 1.81
C40 Y4F E . 9.05 -1.52 0.79
C5 Y4F E . 22.11 -4.50 -0.33
C6 Y4F E . 22.45 -5.03 -1.59
N01 Y4F E . 23.69 -5.42 -1.92
N1 Y4F E . 21.49 -5.07 -2.55
N3 Y4F E . 19.84 -4.14 -1.07
N33 Y4F E . 12.32 -0.75 2.06
N35 Y4F E . 12.20 0.76 0.39
N39 Y4F E . 8.93 -0.72 -0.17
N42 Y4F E . 10.02 -1.78 1.72
N64 Y4F E . 9.70 0.85 -1.42
N7 Y4F E . 22.82 -4.32 0.84
N9 Y4F E . 20.72 -3.65 1.14
O17 Y4F E . 15.35 -3.13 0.31
O19 Y4F E . 13.01 -2.75 0.21
O2' Y4F E . 19.88 -0.71 1.16
O20 Y4F E . 13.98 -3.49 2.46
O23 Y4F E . 14.23 -3.28 5.16
O26 Y4F E . 15.54 0.36 3.21
O28 Y4F E . 17.71 -0.93 2.80
O29 Y4F E . 17.82 1.24 3.90
O30 Y4F E . 17.11 1.15 1.40
O31 Y4F E . 13.03 -0.59 4.23
O4' Y4F E . 18.51 -3.87 2.01
O44 Y4F E . 13.83 -5.21 0.70
P18 Y4F E . 13.96 -3.72 0.86
P27 Y4F E . 17.09 0.57 2.79
H4 Y4F E . 22.22 -3.51 2.55
H5 Y4F E . 19.92 -2.71 2.69
H10 Y4F E . 16.34 -4.77 0.93
H11 Y4F E . 17.16 -3.88 -0.11
H1 Y4F E . 19.63 -4.68 -2.90
H6 Y4F E . 18.85 -2.00 0.04
H13 Y4F E . 14.60 -1.59 2.28
H14 Y4F E . 15.70 -2.34 4.25
H16 Y4F E . 14.13 -0.94 5.86
H17 Y4F E . 14.89 1.09 4.97
H18 Y4F E . 16.11 0.06 5.11
H8 Y4F E . 16.93 -1.29 0.97
H20 Y4F E . 12.11 -2.17 3.51
H21 Y4F E . 13.78 0.62 1.60
H9 Y4F E . 16.70 -3.16 2.62
H12 Y4F E . 8.31 -2.08 0.91
H2 Y4F E . 24.33 -5.34 -1.33
H3 Y4F E . 23.85 -5.73 -2.72
H23 Y4F E . 10.33 1.42 -1.66
H22 Y4F E . 8.93 0.85 -1.85
H7 Y4F E . 19.90 -0.49 1.97
H15 Y4F E . 14.21 -3.99 4.71
ZN ZN F . -27.15 -13.52 13.60
C4 Y4F G . 14.49 0.23 -29.14
C8 Y4F G . 16.12 0.71 -27.74
C1' Y4F G . 13.98 2.00 -27.42
C16 Y4F G . 10.61 1.45 -27.53
C2 Y4F G . 13.36 -0.70 -30.79
C2' Y4F G . 13.43 3.01 -28.45
C21 Y4F G . 9.06 4.30 -25.71
C22 Y4F G . 10.10 4.66 -24.66
C24 Y4F G . 9.98 6.18 -24.51
C25 Y4F G . 10.84 6.99 -25.46
C3' Y4F G . 12.14 3.48 -27.82
C32 Y4F G . 7.96 5.26 -25.32
C34 Y4F G . 7.56 6.37 -27.58
C36 Y4F G . 5.80 5.50 -26.58
C37 Y4F G . 5.45 6.08 -27.82
C38 Y4F G . 4.13 6.05 -28.25
C4' Y4F G . 11.73 2.31 -26.97
C40 Y4F G . 3.60 5.00 -26.43
C5 Y4F G . 15.63 -0.47 -29.46
C6 Y4F G . 15.57 -1.34 -30.56
N01 Y4F G . 16.60 -2.07 -30.98
N1 Y4F G . 14.40 -1.42 -31.24
N3 Y4F G . 13.31 0.17 -29.78
N33 Y4F G . 7.14 5.68 -26.45
N35 Y4F G . 6.59 6.61 -28.43
N39 Y4F G . 3.26 5.52 -27.54
N42 Y4F G . 4.82 4.87 -25.78
N64 Y4F G . 3.69 6.57 -29.39
N7 Y4F G . 16.66 -0.16 -28.57
N9 Y4F G . 14.82 1.00 -28.05
O17 Y4F G . 9.48 2.27 -27.89
O19 Y4F G . 7.20 2.94 -27.77
O2' Y4F G . 14.40 4.01 -28.63
O20 Y4F G . 8.63 2.96 -25.55
O23 Y4F G . 9.73 4.04 -23.47
O26 Y4F G . 10.74 6.47 -26.83
O28 Y4F G . 12.42 4.63 -27.01
O29 Y4F G . 13.18 6.99 -27.17
O30 Y4F G . 11.79 6.02 -29.07
O31 Y4F G . 8.56 6.42 -24.77
O4' Y4F G . 12.85 1.42 -26.84
O44 Y4F G . 7.88 0.80 -26.50
P18 Y4F G . 8.19 2.21 -26.93
P27 Y4F G . 12.07 6.08 -27.61
H4 Y4F G . 16.59 1.09 -27.02
H5 Y4F G . 14.48 2.43 -26.70
H10 Y4F G . 10.34 0.78 -26.86
H11 Y4F G . 10.95 0.97 -28.34
H1 Y4F G . 12.55 -0.83 -31.25
H6 Y4F G . 13.18 2.56 -29.30
H13 Y4F G . 9.41 4.46 -26.62
H14 Y4F G . 11.03 4.44 -24.97
H16 Y4F G . 10.20 6.47 -23.60
H17 Y4F G . 10.55 7.93 -25.43
H18 Y4F G . 11.78 6.94 -25.16
H8 Y4F G . 11.45 3.68 -28.51
H20 Y4F G . 7.39 4.83 -24.63
H21 Y4F G . 8.45 6.64 -27.72
H9 Y4F G . 11.48 2.70 -26.10
H12 Y4F G . 2.90 4.63 -25.93
H2 Y4F G . 16.52 -2.60 -31.68
H3 Y4F G . 17.38 -2.01 -30.56
H23 Y4F G . 4.25 6.95 -29.94
H22 Y4F G . 2.83 6.52 -29.59
H7 Y4F G . 14.13 4.55 -29.24
H15 Y4F G . 9.74 3.19 -23.59
C1 GOL H . 18.91 -4.13 -7.38
O1 GOL H . 18.41 -2.81 -7.12
C2 GOL H . 19.43 -4.68 -6.03
O2 GOL H . 18.60 -5.57 -5.63
C3 GOL H . 20.87 -5.21 -6.22
O3 GOL H . 21.18 -6.16 -5.23
H11 GOL H . 19.64 -4.13 -8.02
H12 GOL H . 18.24 -4.73 -7.74
HO1 GOL H . 17.86 -2.64 -7.77
H2 GOL H . 19.50 -3.98 -5.37
HO2 GOL H . 18.78 -6.33 -6.02
H31 GOL H . 21.48 -4.45 -6.20
H32 GOL H . 20.95 -5.57 -7.11
HO3 GOL H . 21.96 -6.42 -5.39
#